data_8BI0
#
_entry.id   8BI0
#
_cell.length_a   1.00
_cell.length_b   1.00
_cell.length_c   1.00
_cell.angle_alpha   90.00
_cell.angle_beta   90.00
_cell.angle_gamma   90.00
#
_symmetry.space_group_name_H-M   'P 1'
#
loop_
_entity.id
_entity.type
_entity.pdbx_description
1 polymer 'Broad substrate specificity ATP-binding cassette transporter ABCG2'
2 non-polymer "ADENOSINE-5'-TRIPHOSPHATE"
3 non-polymer CHOLESTEROL
4 non-polymer 'DIUNDECYL PHOSPHATIDYL CHOLINE'
5 non-polymer 'MAGNESIUM ION'
6 non-polymer tariquidar
#
_entity_poly.entity_id   1
_entity_poly.type   'polypeptide(L)'
_entity_poly.pdbx_seq_one_letter_code
;MDYKDDDDKGSSSSNVEVFIPVSQGNTNGFPATASNDLKAFTEGAVLSFHNICYRVKLKSGFLPCRKPVEKEILSNINGI
MKPGLNAILGPTGGGKSSLLDVLAARKDPSGLSGDVLINGAPRPANFKCNSGYVVQDDVVMGTLTVRENLQFSAALRLAT
TMTNHEKNERINRVIQELGLDKVADSKVGTQFIRGVSGGERKRTSIGMELITDPSILFLDEPTTGLDSSTANAVLLLLKR
MSKQGRTIIFSIHQPRYSIFKLFDSLTLLASGRLMFHGPAQEALGYFESAGYHCEAYNNPADFFLDIINGDSTAVALNRE
EDFKATEIIEPSKQDKPLIEKLAEIYVNSSFYKETKAELHQLSGGEKKKKITVFKEISYTTSFCHQLRWVSKRSFKNLLG
NPQASIAQIIVTVVLGLVIGAIYFGLKNDSTGIQNRAGVLFFLTTNQCFSSVSAVELFVVEKKLFIHEYISGYYRVSSYF
LGKLLSDLLPMRMLPSIIFTCIVYFMLGLKPKADAFFVMMFTLMMVAYSASSMALAIAAGQSVVSVATLLMTICFVFMMI
FSGLLVNLTTIASWLSWLQYFSIPRYGFTALQHNEFLGQNFCPGLNATGNNPCNYATCTGEEYLVKQGIDLSPWGLWKNH
VALACMIVIFLTIAYLKLLFLKKYS
;
_entity_poly.pdbx_strand_id   A,B
#
# COMPACT_ATOMS: atom_id res chain seq x y z
N GLY A 44 4.96 5.57 43.91
CA GLY A 44 5.23 5.74 42.50
C GLY A 44 6.18 4.70 41.95
N ALA A 45 6.44 4.76 40.64
CA ALA A 45 7.28 3.80 39.95
C ALA A 45 8.62 4.46 39.64
N VAL A 46 9.70 3.82 40.07
CA VAL A 46 11.05 4.35 39.87
C VAL A 46 11.81 3.44 38.92
N LEU A 47 11.74 3.74 37.63
CA LEU A 47 12.49 2.97 36.65
C LEU A 47 13.97 3.33 36.71
N SER A 48 14.80 2.44 36.19
CA SER A 48 16.24 2.62 36.25
C SER A 48 16.88 1.74 35.18
N PHE A 49 18.10 2.10 34.82
CA PHE A 49 18.91 1.28 33.93
C PHE A 49 20.38 1.59 34.19
N HIS A 50 21.22 0.66 33.76
CA HIS A 50 22.64 0.73 34.10
C HIS A 50 23.45 -0.10 33.11
N ASN A 51 24.45 0.54 32.50
CA ASN A 51 25.41 -0.13 31.62
C ASN A 51 24.75 -0.74 30.40
N ILE A 52 23.61 -0.20 29.97
CA ILE A 52 22.91 -0.75 28.82
C ILE A 52 23.77 -0.63 27.57
N CYS A 53 23.78 -1.69 26.77
CA CYS A 53 24.30 -1.66 25.41
C CYS A 53 23.48 -2.65 24.60
N TYR A 54 23.31 -2.36 23.31
CA TYR A 54 22.48 -3.18 22.45
C TYR A 54 23.21 -3.43 21.13
N ARG A 55 22.98 -4.61 20.57
CA ARG A 55 23.65 -5.06 19.37
C ARG A 55 22.63 -5.60 18.39
N VAL A 56 22.88 -5.36 17.10
CA VAL A 56 21.97 -5.78 16.04
C VAL A 56 22.79 -6.41 14.92
N LYS A 57 22.17 -7.33 14.19
CA LYS A 57 22.83 -8.01 13.08
C LYS A 57 22.13 -7.70 11.76
N PRO A 68 26.53 -12.92 11.50
CA PRO A 68 27.19 -11.94 10.62
C PRO A 68 27.73 -10.75 11.39
N VAL A 69 27.90 -9.61 10.72
CA VAL A 69 28.36 -8.40 11.38
C VAL A 69 27.34 -7.98 12.42
N GLU A 70 27.82 -7.65 13.62
CA GLU A 70 27.00 -7.11 14.69
C GLU A 70 27.46 -5.69 14.98
N LYS A 71 26.51 -4.76 15.04
CA LYS A 71 26.80 -3.37 15.31
C LYS A 71 26.01 -2.91 16.53
N GLU A 72 26.57 -1.96 17.25
CA GLU A 72 25.98 -1.45 18.48
C GLU A 72 25.19 -0.18 18.16
N ILE A 73 23.87 -0.29 18.17
CA ILE A 73 23.02 0.88 18.03
C ILE A 73 23.16 1.78 19.24
N LEU A 74 23.22 1.18 20.43
CA LEU A 74 23.31 1.91 21.69
C LEU A 74 24.55 1.47 22.44
N SER A 75 25.41 2.43 22.76
CA SER A 75 26.60 2.19 23.56
C SER A 75 26.26 2.42 25.04
N ASN A 76 27.28 2.55 25.89
CA ASN A 76 27.06 2.68 27.32
C ASN A 76 25.98 3.72 27.61
N ILE A 77 24.97 3.30 28.37
CA ILE A 77 23.86 4.17 28.77
C ILE A 77 23.54 3.89 30.23
N ASN A 78 23.40 4.94 31.02
CA ASN A 78 23.05 4.84 32.43
C ASN A 78 22.11 5.98 32.78
N GLY A 79 21.03 5.68 33.48
CA GLY A 79 20.07 6.70 33.84
C GLY A 79 19.00 6.18 34.76
N ILE A 80 18.33 7.11 35.42
CA ILE A 80 17.21 6.82 36.31
C ILE A 80 16.04 7.69 35.89
N MET A 81 14.91 7.06 35.59
CA MET A 81 13.70 7.77 35.20
C MET A 81 12.74 7.77 36.38
N LYS A 82 12.96 8.69 37.30
CA LYS A 82 12.12 8.80 38.48
C LYS A 82 10.71 9.27 38.10
N PRO A 83 9.73 9.04 38.97
CA PRO A 83 8.37 9.49 38.67
C PRO A 83 8.34 10.96 38.28
N GLY A 84 7.29 11.33 37.56
CA GLY A 84 7.13 12.67 37.03
C GLY A 84 7.02 12.66 35.51
N LEU A 85 7.82 13.52 34.88
CA LEU A 85 7.81 13.67 33.43
C LEU A 85 9.24 13.67 32.95
N ASN A 86 9.58 12.72 32.07
CA ASN A 86 10.92 12.54 31.57
C ASN A 86 10.90 12.53 30.04
N ALA A 87 11.99 12.97 29.43
CA ALA A 87 12.04 13.21 28.01
C ALA A 87 13.34 12.69 27.42
N ILE A 88 13.30 12.44 26.11
CA ILE A 88 14.44 11.94 25.36
C ILE A 88 14.59 12.74 24.08
N LEU A 89 15.41 13.78 24.11
CA LEU A 89 15.67 14.54 22.91
C LEU A 89 16.91 14.00 22.20
N GLY A 90 16.93 14.13 20.88
CA GLY A 90 18.07 13.72 20.10
C GLY A 90 17.86 13.90 18.62
N PRO A 91 18.94 13.92 17.87
CA PRO A 91 18.83 14.03 16.42
C PRO A 91 18.31 12.75 15.80
N THR A 92 17.78 12.88 14.59
CA THR A 92 17.26 11.73 13.87
C THR A 92 18.35 10.68 13.69
N GLY A 93 18.00 9.43 13.95
CA GLY A 93 18.95 8.35 13.87
C GLY A 93 19.82 8.17 15.10
N GLY A 94 19.62 9.00 16.14
CA GLY A 94 20.44 8.87 17.33
C GLY A 94 20.19 7.58 18.08
N GLY A 95 18.96 7.11 18.07
CA GLY A 95 18.56 5.95 18.82
C GLY A 95 17.45 6.17 19.83
N LYS A 96 16.57 7.15 19.61
CA LYS A 96 15.54 7.46 20.58
C LYS A 96 14.50 6.35 20.64
N SER A 97 14.06 5.84 19.49
CA SER A 97 13.04 4.81 19.46
C SER A 97 13.58 3.48 20.00
N SER A 98 14.86 3.20 19.77
CA SER A 98 15.43 1.93 20.19
C SER A 98 15.52 1.84 21.71
N LEU A 99 16.01 2.91 22.35
CA LEU A 99 16.11 2.91 23.80
C LEU A 99 14.75 2.71 24.45
N LEU A 100 13.72 3.34 23.89
CA LEU A 100 12.39 3.23 24.47
C LEU A 100 11.91 1.78 24.46
N ASP A 101 12.10 1.09 23.35
CA ASP A 101 11.69 -0.32 23.29
C ASP A 101 12.47 -1.17 24.28
N VAL A 102 13.77 -0.89 24.42
CA VAL A 102 14.58 -1.62 25.38
C VAL A 102 14.00 -1.47 26.79
N LEU A 103 13.58 -0.26 27.14
CA LEU A 103 13.02 -0.03 28.47
C LEU A 103 11.67 -0.73 28.63
N ALA A 104 10.90 -0.85 27.55
CA ALA A 104 9.58 -1.45 27.59
C ALA A 104 9.57 -2.90 27.17
N ALA A 105 10.75 -3.50 26.98
CA ALA A 105 10.87 -4.93 26.72
C ALA A 105 10.18 -5.33 25.42
N ARG A 106 10.34 -4.52 24.39
CA ARG A 106 9.85 -4.84 23.05
C ARG A 106 10.97 -5.18 22.08
N LYS A 107 12.20 -5.29 22.56
CA LYS A 107 13.34 -5.66 21.75
C LYS A 107 13.79 -7.07 22.13
N ASP A 108 14.39 -7.76 21.17
CA ASP A 108 14.87 -9.10 21.44
C ASP A 108 15.89 -9.05 22.58
N PRO A 109 15.72 -9.83 23.64
CA PRO A 109 16.65 -9.76 24.77
C PRO A 109 18.05 -10.28 24.44
N SER A 110 18.28 -10.79 23.24
CA SER A 110 19.59 -11.30 22.87
C SER A 110 20.63 -10.18 22.91
N GLY A 111 20.35 -9.08 22.22
CA GLY A 111 21.34 -8.00 22.12
C GLY A 111 21.58 -7.30 23.44
N LEU A 112 20.53 -7.15 24.25
CA LEU A 112 20.63 -6.36 25.47
C LEU A 112 21.74 -6.87 26.36
N SER A 113 22.53 -5.94 26.89
CA SER A 113 23.70 -6.25 27.71
C SER A 113 23.71 -5.41 28.97
N GLY A 114 22.57 -5.34 29.66
CA GLY A 114 22.50 -4.58 30.89
C GLY A 114 21.29 -4.96 31.70
N ASP A 115 21.16 -4.32 32.85
CA ASP A 115 20.10 -4.60 33.82
C ASP A 115 19.10 -3.45 33.85
N VAL A 116 17.82 -3.79 33.77
CA VAL A 116 16.73 -2.84 33.89
C VAL A 116 15.90 -3.24 35.10
N LEU A 117 15.63 -2.28 35.98
CA LEU A 117 14.96 -2.54 37.25
C LEU A 117 13.85 -1.54 37.48
N ILE A 118 12.72 -2.04 37.99
CA ILE A 118 11.62 -1.19 38.45
C ILE A 118 11.62 -1.22 39.97
N ASN A 119 11.73 -0.05 40.58
CA ASN A 119 11.71 0.07 42.03
C ASN A 119 12.76 -0.85 42.66
N GLY A 120 13.88 -1.01 41.99
CA GLY A 120 14.94 -1.89 42.46
C GLY A 120 14.76 -3.34 42.11
N ALA A 121 13.54 -3.85 42.24
CA ALA A 121 13.29 -5.24 41.92
C ALA A 121 13.32 -5.46 40.41
N PRO A 122 13.63 -6.67 39.96
CA PRO A 122 13.67 -6.94 38.52
C PRO A 122 12.29 -6.72 37.89
N ARG A 123 12.27 -6.86 36.57
CA ARG A 123 11.06 -6.62 35.81
C ARG A 123 9.98 -7.64 36.21
N PRO A 124 8.80 -7.21 36.62
CA PRO A 124 7.74 -8.16 36.92
C PRO A 124 7.15 -8.75 35.64
N ALA A 125 6.45 -9.87 35.81
CA ALA A 125 5.75 -10.50 34.70
C ALA A 125 4.50 -9.72 34.29
N ASN A 126 3.98 -8.86 35.17
CA ASN A 126 2.83 -8.02 34.85
C ASN A 126 3.25 -6.68 34.26
N PHE A 127 4.52 -6.56 33.85
CA PHE A 127 5.02 -5.28 33.36
C PHE A 127 4.18 -4.76 32.20
N LYS A 128 3.88 -5.63 31.24
CA LYS A 128 3.07 -5.24 30.10
C LYS A 128 1.59 -5.16 30.42
N CYS A 129 1.20 -5.57 31.63
CA CYS A 129 -0.16 -5.38 32.11
C CYS A 129 -0.32 -4.09 32.90
N ASN A 130 0.77 -3.35 33.11
CA ASN A 130 0.73 -2.08 33.84
C ASN A 130 1.57 -1.02 33.14
N SER A 131 1.72 -1.12 31.83
CA SER A 131 2.49 -0.16 31.06
C SER A 131 1.79 0.11 29.74
N GLY A 132 2.17 1.19 29.11
CA GLY A 132 1.63 1.56 27.81
C GLY A 132 2.72 2.02 26.88
N TYR A 133 2.57 1.67 25.60
CA TYR A 133 3.53 2.02 24.57
C TYR A 133 2.77 2.60 23.39
N VAL A 134 3.20 3.77 22.93
CA VAL A 134 2.61 4.45 21.78
C VAL A 134 3.65 4.45 20.67
N VAL A 135 3.24 4.03 19.48
CA VAL A 135 4.21 3.76 18.43
C VAL A 135 4.48 5.02 17.60
N GLN A 136 5.69 5.07 17.05
CA GLN A 136 6.07 6.20 16.21
C GLN A 136 5.20 6.28 14.96
N ASP A 137 4.94 5.14 14.34
CA ASP A 137 4.03 5.05 13.20
C ASP A 137 2.73 4.43 13.69
N ASP A 138 1.62 5.13 13.45
CA ASP A 138 0.35 4.73 14.05
C ASP A 138 -0.10 3.38 13.51
N VAL A 139 -0.68 2.58 14.40
CA VAL A 139 -1.29 1.31 14.04
C VAL A 139 -2.73 1.37 14.55
N VAL A 140 -3.62 1.82 13.67
CA VAL A 140 -5.03 2.01 14.01
C VAL A 140 -5.86 1.48 12.86
N MET A 141 -6.83 0.62 13.18
CA MET A 141 -7.64 -0.02 12.15
C MET A 141 -8.48 1.03 11.45
N GLY A 142 -8.19 1.26 10.17
CA GLY A 142 -8.84 2.35 9.45
C GLY A 142 -10.33 2.16 9.32
N THR A 143 -10.78 0.92 9.13
CA THR A 143 -12.18 0.65 8.84
C THR A 143 -13.09 0.91 10.03
N LEU A 144 -12.54 1.13 11.21
CA LEU A 144 -13.32 1.43 12.41
C LEU A 144 -13.31 2.92 12.69
N THR A 145 -14.22 3.32 13.57
CA THR A 145 -14.26 4.71 14.04
C THR A 145 -13.23 4.89 15.15
N VAL A 146 -13.13 6.13 15.64
CA VAL A 146 -12.27 6.41 16.77
C VAL A 146 -12.76 5.69 18.01
N ARG A 147 -14.05 5.82 18.32
CA ARG A 147 -14.59 5.25 19.55
C ARG A 147 -14.48 3.73 19.55
N GLU A 148 -14.69 3.10 18.40
CA GLU A 148 -14.63 1.64 18.34
C GLU A 148 -13.24 1.13 18.69
N ASN A 149 -12.20 1.79 18.19
CA ASN A 149 -10.84 1.36 18.51
C ASN A 149 -10.57 1.46 20.00
N LEU A 150 -10.99 2.56 20.63
CA LEU A 150 -10.79 2.71 22.06
C LEU A 150 -11.59 1.67 22.83
N GLN A 151 -12.79 1.35 22.36
CA GLN A 151 -13.57 0.30 22.99
C GLN A 151 -12.84 -1.03 22.95
N PHE A 152 -12.20 -1.34 21.82
CA PHE A 152 -11.47 -2.59 21.69
C PHE A 152 -10.32 -2.67 22.70
N SER A 153 -9.56 -1.59 22.83
CA SER A 153 -8.46 -1.57 23.78
C SER A 153 -8.96 -1.72 25.21
N ALA A 154 -10.04 -1.00 25.54
CA ALA A 154 -10.58 -1.06 26.89
C ALA A 154 -11.06 -2.46 27.22
N ALA A 155 -11.77 -3.09 26.27
CA ALA A 155 -12.41 -4.37 26.57
C ALA A 155 -11.39 -5.45 26.89
N LEU A 156 -10.29 -5.50 26.15
CA LEU A 156 -9.32 -6.58 26.27
C LEU A 156 -8.21 -6.31 27.26
N ARG A 157 -8.04 -5.07 27.70
CA ARG A 157 -6.97 -4.72 28.63
C ARG A 157 -7.48 -4.36 30.01
N LEU A 158 -8.49 -3.48 30.09
CA LEU A 158 -9.15 -3.25 31.37
C LEU A 158 -9.90 -4.50 31.79
N ALA A 159 -9.88 -4.80 33.09
CA ALA A 159 -10.48 -6.03 33.57
C ALA A 159 -11.99 -6.02 33.37
N THR A 160 -12.55 -7.22 33.22
CA THR A 160 -13.98 -7.37 32.99
C THR A 160 -14.82 -7.05 34.21
N THR A 161 -14.19 -6.91 35.39
CA THR A 161 -14.96 -6.61 36.58
C THR A 161 -15.72 -5.30 36.43
N MET A 162 -15.17 -4.35 35.69
CA MET A 162 -15.83 -3.08 35.46
C MET A 162 -17.04 -3.27 34.55
N THR A 163 -18.05 -2.42 34.77
CA THR A 163 -19.23 -2.42 33.92
C THR A 163 -18.92 -1.76 32.58
N ASN A 164 -19.66 -2.20 31.56
CA ASN A 164 -19.43 -1.64 30.23
C ASN A 164 -19.79 -0.17 30.17
N HIS A 165 -20.79 0.25 30.95
CA HIS A 165 -21.13 1.67 30.99
C HIS A 165 -19.98 2.48 31.60
N GLU A 166 -19.34 1.96 32.64
CA GLU A 166 -18.21 2.65 33.22
C GLU A 166 -17.09 2.83 32.22
N LYS A 167 -16.80 1.79 31.44
CA LYS A 167 -15.73 1.91 30.45
C LYS A 167 -16.06 2.98 29.41
N ASN A 168 -17.30 3.03 28.95
CA ASN A 168 -17.67 4.04 27.97
C ASN A 168 -17.56 5.45 28.56
N GLU A 169 -17.82 5.59 29.86
CA GLU A 169 -17.62 6.88 30.52
C GLU A 169 -16.16 7.27 30.51
N ARG A 170 -15.28 6.33 30.82
CA ARG A 170 -13.84 6.60 30.73
C ARG A 170 -13.46 7.00 29.31
N ILE A 171 -14.00 6.29 28.33
CA ILE A 171 -13.66 6.55 26.94
C ILE A 171 -14.06 7.96 26.55
N ASN A 172 -15.25 8.40 26.98
CA ASN A 172 -15.68 9.75 26.66
C ASN A 172 -14.76 10.79 27.27
N ARG A 173 -14.32 10.56 28.51
CA ARG A 173 -13.43 11.51 29.18
C ARG A 173 -12.12 11.65 28.41
N VAL A 174 -11.55 10.53 27.97
CA VAL A 174 -10.30 10.58 27.23
C VAL A 174 -10.47 11.38 25.95
N ILE A 175 -11.56 11.15 25.23
CA ILE A 175 -11.79 11.83 23.96
C ILE A 175 -11.88 13.33 24.17
N GLN A 176 -12.58 13.75 25.22
CA GLN A 176 -12.69 15.18 25.50
C GLN A 176 -11.34 15.80 25.79
N GLU A 177 -10.50 15.08 26.54
CA GLU A 177 -9.19 15.60 26.91
C GLU A 177 -8.30 15.80 25.69
N LEU A 178 -8.36 14.87 24.73
CA LEU A 178 -7.52 14.92 23.55
C LEU A 178 -8.13 15.75 22.43
N GLY A 179 -9.34 16.26 22.60
CA GLY A 179 -9.95 17.09 21.57
C GLY A 179 -10.34 16.32 20.33
N LEU A 180 -10.85 15.10 20.48
CA LEU A 180 -11.29 14.28 19.37
C LEU A 180 -12.81 14.20 19.28
N ASP A 181 -13.53 15.07 19.99
CA ASP A 181 -14.98 14.94 20.08
C ASP A 181 -15.63 15.06 18.70
N LYS A 182 -15.16 15.99 17.87
CA LYS A 182 -15.79 16.20 16.58
C LYS A 182 -15.66 14.96 15.69
N VAL A 183 -14.57 14.22 15.84
CA VAL A 183 -14.34 13.02 15.04
C VAL A 183 -14.42 11.76 15.90
N ALA A 184 -15.20 11.79 16.99
CA ALA A 184 -15.28 10.64 17.88
C ALA A 184 -15.86 9.43 17.19
N ASP A 185 -16.90 9.63 16.37
CA ASP A 185 -17.59 8.53 15.70
C ASP A 185 -17.28 8.47 14.21
N SER A 186 -16.39 9.31 13.72
CA SER A 186 -16.00 9.25 12.32
C SER A 186 -15.02 8.10 12.09
N LYS A 187 -14.95 7.65 10.84
CA LYS A 187 -14.05 6.57 10.49
C LYS A 187 -12.63 7.08 10.29
N VAL A 188 -11.67 6.26 10.69
CA VAL A 188 -10.27 6.52 10.40
C VAL A 188 -10.04 6.20 8.93
N GLY A 189 -8.91 6.67 8.39
CA GLY A 189 -8.73 6.63 6.95
C GLY A 189 -8.79 5.21 6.39
N THR A 190 -9.47 5.08 5.26
CA THR A 190 -9.43 3.87 4.46
C THR A 190 -9.19 4.26 3.01
N GLN A 191 -8.72 3.30 2.22
CA GLN A 191 -8.45 3.57 0.81
C GLN A 191 -9.71 4.05 0.10
N PHE A 192 -10.84 3.39 0.36
CA PHE A 192 -12.09 3.82 -0.26
C PHE A 192 -12.66 5.05 0.44
N ILE A 193 -12.58 5.10 1.77
CA ILE A 193 -13.19 6.15 2.57
C ILE A 193 -12.10 7.11 3.03
N ARG A 194 -12.16 8.34 2.52
CA ARG A 194 -11.32 9.41 3.05
C ARG A 194 -11.65 9.60 4.53
N GLY A 195 -10.61 9.74 5.35
CA GLY A 195 -10.79 9.77 6.78
C GLY A 195 -10.08 10.90 7.50
N VAL A 196 -10.00 10.77 8.83
CA VAL A 196 -9.45 11.83 9.66
C VAL A 196 -8.00 12.10 9.28
N SER A 197 -7.51 13.27 9.67
CA SER A 197 -6.16 13.68 9.38
C SER A 197 -5.16 12.87 10.19
N GLY A 198 -3.88 13.00 9.83
CA GLY A 198 -2.83 12.30 10.54
C GLY A 198 -2.75 12.69 12.01
N GLY A 199 -3.07 13.95 12.33
CA GLY A 199 -3.03 14.38 13.71
C GLY A 199 -4.07 13.70 14.57
N GLU A 200 -5.30 13.60 14.06
CA GLU A 200 -6.35 12.94 14.81
C GLU A 200 -6.07 11.45 14.98
N ARG A 201 -5.50 10.83 13.95
CA ARG A 201 -5.09 9.43 14.08
C ARG A 201 -4.01 9.27 15.14
N LYS A 202 -3.06 10.20 15.19
CA LYS A 202 -1.98 10.10 16.17
C LYS A 202 -2.54 10.19 17.58
N ARG A 203 -3.44 11.15 17.83
CA ARG A 203 -4.01 11.30 19.16
C ARG A 203 -4.85 10.08 19.54
N THR A 204 -5.45 9.42 18.54
CA THR A 204 -6.23 8.23 18.82
C THR A 204 -5.35 7.12 19.37
N SER A 205 -4.16 6.93 18.81
CA SER A 205 -3.24 5.94 19.34
C SER A 205 -2.87 6.26 20.79
N ILE A 206 -2.69 7.55 21.10
CA ILE A 206 -2.41 7.95 22.47
C ILE A 206 -3.58 7.59 23.36
N GLY A 207 -4.81 7.78 22.88
CA GLY A 207 -5.98 7.49 23.69
C GLY A 207 -6.05 6.04 24.13
N MET A 208 -5.82 5.12 23.19
CA MET A 208 -5.97 3.70 23.51
C MET A 208 -5.08 3.29 24.68
N GLU A 209 -3.88 3.87 24.77
CA GLU A 209 -2.99 3.54 25.86
C GLU A 209 -3.42 4.22 27.16
N LEU A 210 -3.94 5.44 27.08
CA LEU A 210 -4.34 6.15 28.28
C LEU A 210 -5.51 5.48 28.98
N ILE A 211 -6.39 4.82 28.24
CA ILE A 211 -7.59 4.24 28.81
C ILE A 211 -7.24 3.22 29.88
N THR A 212 -6.14 2.50 29.69
CA THR A 212 -5.74 1.47 30.63
C THR A 212 -5.38 2.04 32.00
N ASP A 213 -5.21 3.34 32.12
CA ASP A 213 -4.82 3.98 33.38
C ASP A 213 -3.52 3.36 33.86
N PRO A 214 -2.44 3.51 33.11
CA PRO A 214 -1.19 2.82 33.47
C PRO A 214 -0.39 3.59 34.50
N SER A 215 0.41 2.85 35.27
CA SER A 215 1.35 3.47 36.19
C SER A 215 2.64 3.88 35.48
N ILE A 216 2.86 3.41 34.26
CA ILE A 216 4.04 3.74 33.47
C ILE A 216 3.61 3.85 32.02
N LEU A 217 4.07 4.90 31.34
CA LEU A 217 3.65 5.19 29.98
C LEU A 217 4.86 5.56 29.14
N PHE A 218 5.01 4.90 27.99
CA PHE A 218 6.06 5.18 27.03
C PHE A 218 5.42 5.74 25.77
N LEU A 219 5.96 6.84 25.27
CA LEU A 219 5.50 7.46 24.04
C LEU A 219 6.69 7.72 23.12
N ASP A 220 6.46 7.62 21.82
CA ASP A 220 7.47 7.88 20.81
C ASP A 220 6.95 8.95 19.87
N GLU A 221 7.59 10.12 19.88
CA GLU A 221 7.19 11.24 19.05
C GLU A 221 5.68 11.47 19.12
N PRO A 222 5.15 11.78 20.31
CA PRO A 222 3.72 12.06 20.42
C PRO A 222 3.28 13.27 19.63
N THR A 223 4.18 14.20 19.36
CA THR A 223 3.89 15.44 18.66
C THR A 223 4.59 15.41 17.30
N THR A 224 3.94 14.80 16.32
CA THR A 224 4.40 14.77 14.94
C THR A 224 3.18 14.81 14.04
N GLY A 225 3.11 15.83 13.18
CA GLY A 225 1.92 16.11 12.43
C GLY A 225 0.91 16.96 13.17
N LEU A 226 1.31 17.57 14.28
CA LEU A 226 0.43 18.38 15.11
C LEU A 226 0.96 19.79 15.19
N ASP A 227 0.06 20.77 15.08
CA ASP A 227 0.44 22.16 15.26
C ASP A 227 0.69 22.45 16.74
N SER A 228 1.35 23.59 17.00
CA SER A 228 1.77 23.91 18.35
C SER A 228 0.63 23.84 19.35
N SER A 229 -0.52 24.40 19.00
CA SER A 229 -1.65 24.42 19.94
C SER A 229 -2.02 23.01 20.37
N THR A 230 -2.21 22.11 19.39
CA THR A 230 -2.56 20.73 19.73
C THR A 230 -1.43 20.06 20.50
N ALA A 231 -0.18 20.32 20.11
CA ALA A 231 0.96 19.71 20.80
C ALA A 231 0.99 20.15 22.25
N ASN A 232 0.77 21.43 22.51
CA ASN A 232 0.80 21.92 23.88
C ASN A 232 -0.29 21.27 24.72
N ALA A 233 -1.49 21.10 24.16
CA ALA A 233 -2.58 20.49 24.90
C ALA A 233 -2.23 19.07 25.30
N VAL A 234 -1.64 18.30 24.38
CA VAL A 234 -1.26 16.93 24.69
C VAL A 234 -0.23 16.91 25.81
N LEU A 235 0.79 17.75 25.72
CA LEU A 235 1.85 17.74 26.73
C LEU A 235 1.30 18.14 28.10
N LEU A 236 0.46 19.16 28.15
CA LEU A 236 -0.12 19.57 29.43
C LEU A 236 -0.92 18.43 30.05
N LEU A 237 -1.64 17.67 29.24
CA LEU A 237 -2.38 16.53 29.76
C LEU A 237 -1.44 15.52 30.41
N LEU A 238 -0.32 15.22 29.76
CA LEU A 238 0.64 14.30 30.35
C LEU A 238 1.22 14.87 31.64
N LYS A 239 1.51 16.17 31.66
CA LYS A 239 2.03 16.78 32.88
C LYS A 239 1.03 16.64 34.02
N ARG A 240 -0.24 16.94 33.77
CA ARG A 240 -1.27 16.72 34.77
C ARG A 240 -1.34 15.25 35.16
N MET A 241 -1.18 14.37 34.18
CA MET A 241 -1.23 12.94 34.44
C MET A 241 0.00 12.44 35.18
N SER A 242 1.04 13.25 35.28
CA SER A 242 2.29 12.84 35.91
C SER A 242 2.45 13.36 37.33
N LYS A 243 1.58 14.27 37.78
CA LYS A 243 1.61 14.77 39.15
C LYS A 243 0.77 13.93 40.09
N GLN A 244 0.54 12.67 39.74
CA GLN A 244 -0.23 11.75 40.56
C GLN A 244 0.54 10.48 40.89
N GLY A 245 1.77 10.34 40.42
CA GLY A 245 2.60 9.18 40.68
C GLY A 245 2.98 8.40 39.45
N ARG A 246 2.34 8.64 38.31
CA ARG A 246 2.70 7.95 37.09
C ARG A 246 4.07 8.41 36.60
N THR A 247 4.76 7.52 35.90
CA THR A 247 6.05 7.80 35.29
C THR A 247 5.85 7.82 33.79
N ILE A 248 6.25 8.92 33.15
CA ILE A 248 6.02 9.14 31.74
C ILE A 248 7.37 9.36 31.06
N ILE A 249 7.62 8.59 30.02
CA ILE A 249 8.85 8.68 29.22
C ILE A 249 8.45 8.86 27.77
N PHE A 250 9.03 9.86 27.11
CA PHE A 250 8.64 10.14 25.74
C PHE A 250 9.79 10.79 24.99
N SER A 251 9.75 10.65 23.66
CA SER A 251 10.70 11.26 22.75
C SER A 251 9.99 12.32 21.94
N ILE A 252 10.63 13.47 21.78
CA ILE A 252 9.98 14.64 21.20
C ILE A 252 10.96 15.37 20.29
N HIS A 253 10.41 16.09 19.31
CA HIS A 253 11.19 16.90 18.37
C HIS A 253 10.71 18.34 18.44
N GLN A 254 11.65 19.26 18.62
CA GLN A 254 11.37 20.69 18.59
C GLN A 254 10.33 21.10 19.62
N PRO A 255 10.65 21.03 20.91
CA PRO A 255 9.74 21.59 21.92
C PRO A 255 9.78 23.10 21.94
N ARG A 256 8.76 23.69 22.53
CA ARG A 256 8.76 25.11 22.84
C ARG A 256 9.33 25.32 24.24
N TYR A 257 9.70 26.57 24.53
CA TYR A 257 10.32 26.85 25.82
C TYR A 257 9.35 26.57 26.96
N SER A 258 8.07 26.89 26.78
CA SER A 258 7.08 26.59 27.81
C SER A 258 7.05 25.10 28.10
N ILE A 259 7.05 24.28 27.05
CA ILE A 259 7.04 22.83 27.23
C ILE A 259 8.31 22.38 27.94
N PHE A 260 9.46 22.87 27.49
CA PHE A 260 10.73 22.38 28.01
C PHE A 260 10.86 22.62 29.50
N LYS A 261 10.21 23.68 30.01
CA LYS A 261 10.25 23.93 31.45
C LYS A 261 9.49 22.84 32.20
N LEU A 262 8.50 22.22 31.55
CA LEU A 262 7.72 21.18 32.20
C LEU A 262 8.57 19.94 32.48
N PHE A 263 9.52 19.65 31.61
CA PHE A 263 10.34 18.47 31.77
C PHE A 263 11.01 18.47 33.13
N ASP A 264 10.92 17.34 33.83
CA ASP A 264 11.55 17.19 35.14
C ASP A 264 12.92 16.57 34.98
N SER A 265 12.99 15.45 34.27
CA SER A 265 14.24 14.79 33.97
C SER A 265 14.46 14.76 32.47
N LEU A 266 15.72 14.82 32.07
CA LEU A 266 16.09 14.96 30.66
C LEU A 266 17.09 13.89 30.28
N THR A 267 16.98 13.42 29.04
CA THR A 267 17.92 12.48 28.45
C THR A 267 18.21 12.94 27.03
N LEU A 268 19.48 12.89 26.64
CA LEU A 268 19.94 13.47 25.39
C LEU A 268 20.79 12.43 24.64
N LEU A 269 20.16 11.75 23.69
CA LEU A 269 20.86 10.74 22.91
C LEU A 269 21.46 11.35 21.65
N ALA A 270 22.54 10.73 21.17
CA ALA A 270 23.16 11.14 19.93
C ALA A 270 24.05 10.01 19.44
N SER A 271 23.78 9.53 18.23
CA SER A 271 24.58 8.47 17.61
C SER A 271 24.88 7.34 18.58
N GLY A 272 23.85 6.94 19.32
CA GLY A 272 24.02 5.89 20.32
C GLY A 272 24.51 6.35 21.66
N ARG A 273 25.45 7.30 21.69
CA ARG A 273 26.04 7.73 22.93
C ARG A 273 25.06 8.57 23.75
N LEU A 274 25.32 8.64 25.05
CA LEU A 274 24.55 9.47 25.96
C LEU A 274 25.36 10.74 26.22
N MET A 275 24.84 11.88 25.77
CA MET A 275 25.55 13.15 25.94
C MET A 275 25.23 13.78 27.27
N PHE A 276 23.97 13.67 27.72
CA PHE A 276 23.57 14.28 28.98
C PHE A 276 22.31 13.60 29.50
N HIS A 277 22.34 13.25 30.78
CA HIS A 277 21.15 12.82 31.51
C HIS A 277 21.14 13.51 32.87
N GLY A 278 20.00 14.08 33.22
CA GLY A 278 19.86 14.77 34.49
C GLY A 278 18.66 15.68 34.49
N PRO A 279 18.53 16.49 35.53
CA PRO A 279 17.42 17.45 35.56
C PRO A 279 17.48 18.38 34.37
N ALA A 280 16.30 18.70 33.83
CA ALA A 280 16.25 19.53 32.64
C ALA A 280 16.74 20.94 32.91
N GLN A 281 16.37 21.50 34.06
CA GLN A 281 16.71 22.90 34.34
C GLN A 281 18.22 23.11 34.40
N GLU A 282 18.95 22.10 34.88
CA GLU A 282 20.40 22.21 35.01
C GLU A 282 21.15 21.89 33.73
N ALA A 283 20.45 21.50 32.66
CA ALA A 283 21.13 21.15 31.42
C ALA A 283 21.88 22.33 30.86
N LEU A 284 21.26 23.51 30.87
CA LEU A 284 21.91 24.69 30.32
C LEU A 284 23.22 24.98 31.05
N GLY A 285 23.20 24.87 32.38
CA GLY A 285 24.41 25.11 33.15
C GLY A 285 25.54 24.16 32.80
N TYR A 286 25.21 22.89 32.58
CA TYR A 286 26.24 21.90 32.27
C TYR A 286 26.95 22.26 30.98
N PHE A 287 26.20 22.58 29.93
CA PHE A 287 26.82 22.94 28.66
C PHE A 287 27.59 24.26 28.79
N GLU A 288 27.04 25.22 29.53
CA GLU A 288 27.70 26.51 29.67
C GLU A 288 29.10 26.35 30.26
N SER A 289 29.28 25.39 31.16
CA SER A 289 30.57 25.19 31.79
C SER A 289 31.62 24.77 30.76
N ALA A 290 31.27 23.85 29.87
CA ALA A 290 32.20 23.42 28.82
C ALA A 290 32.43 24.50 27.78
N GLY A 291 31.65 25.57 27.82
CA GLY A 291 31.62 26.55 26.76
C GLY A 291 30.18 26.75 26.35
N TYR A 292 29.94 27.08 25.08
CA TYR A 292 28.58 27.19 24.56
C TYR A 292 27.67 27.96 25.52
N HIS A 293 27.99 29.24 25.70
CA HIS A 293 27.10 30.15 26.39
C HIS A 293 26.04 30.59 25.40
N CYS A 294 24.78 30.34 25.72
CA CYS A 294 23.76 30.48 24.68
C CYS A 294 23.66 31.91 24.19
N GLU A 295 23.00 32.77 24.98
CA GLU A 295 22.94 34.22 24.74
C GLU A 295 22.58 34.54 23.29
N ALA A 296 22.11 33.54 22.54
CA ALA A 296 21.69 33.74 21.16
C ALA A 296 20.29 33.19 20.94
N TYR A 297 20.09 31.95 21.37
CA TYR A 297 18.85 31.25 21.06
C TYR A 297 17.81 31.51 22.13
N ASN A 298 16.58 31.79 21.68
CA ASN A 298 15.47 31.94 22.62
C ASN A 298 15.02 30.59 23.15
N ASN A 299 14.96 29.57 22.28
CA ASN A 299 14.53 28.24 22.68
C ASN A 299 15.74 27.38 23.00
N PRO A 300 15.92 26.92 24.24
CA PRO A 300 17.10 26.10 24.55
C PRO A 300 17.18 24.81 23.76
N ALA A 301 16.05 24.18 23.45
CA ALA A 301 16.10 22.88 22.77
C ALA A 301 16.92 22.97 21.49
N ASP A 302 16.83 24.09 20.78
CA ASP A 302 17.67 24.28 19.60
C ASP A 302 19.14 24.37 19.98
N PHE A 303 19.42 24.98 21.14
CA PHE A 303 20.80 25.17 21.56
C PHE A 303 21.52 23.84 21.76
N PHE A 304 20.81 22.85 22.30
CA PHE A 304 21.41 21.53 22.47
C PHE A 304 21.69 20.87 21.12
N LEU A 305 20.70 20.86 20.23
CA LEU A 305 20.84 20.13 18.98
C LEU A 305 21.90 20.76 18.09
N ASP A 306 22.01 22.09 18.10
CA ASP A 306 23.03 22.75 17.30
C ASP A 306 24.43 22.32 17.75
N ILE A 307 24.65 22.21 19.06
CA ILE A 307 25.93 21.75 19.57
C ILE A 307 26.26 20.38 19.01
N ILE A 308 25.30 19.45 19.08
CA ILE A 308 25.54 18.09 18.62
C ILE A 308 25.92 18.08 17.15
N ASN A 309 25.34 18.99 16.38
CA ASN A 309 25.60 19.09 14.95
C ASN A 309 26.74 20.04 14.63
N GLY A 310 27.47 20.51 15.64
CA GLY A 310 28.65 21.32 15.43
C GLY A 310 28.39 22.63 14.72
N ASP A 311 27.37 23.36 15.17
CA ASP A 311 27.03 24.66 14.59
C ASP A 311 27.11 25.79 15.60
N SER A 312 27.85 25.63 16.69
CA SER A 312 27.98 26.65 17.71
C SER A 312 29.41 26.73 18.22
N THR A 313 29.72 27.86 18.85
CA THR A 313 31.06 28.10 19.35
C THR A 313 31.29 27.37 20.67
N ALA A 314 32.54 26.96 20.89
CA ALA A 314 32.93 26.31 22.13
C ALA A 314 32.93 27.32 23.27
N LYS A 336 37.38 11.77 18.97
CA LYS A 336 37.78 12.90 18.14
C LYS A 336 36.58 13.70 17.63
N PRO A 337 35.57 13.02 17.08
CA PRO A 337 34.40 13.75 16.59
C PRO A 337 33.66 14.42 17.72
N LEU A 338 32.86 15.42 17.36
CA LEU A 338 32.16 16.21 18.37
C LEU A 338 31.26 15.32 19.23
N ILE A 339 30.79 14.21 18.68
CA ILE A 339 29.95 13.30 19.45
C ILE A 339 30.77 12.65 20.56
N GLU A 340 31.85 11.97 20.19
CA GLU A 340 32.70 11.34 21.20
C GLU A 340 33.26 12.37 22.16
N LYS A 341 33.63 13.55 21.65
CA LYS A 341 34.20 14.59 22.49
C LYS A 341 33.23 15.01 23.58
N LEU A 342 31.95 15.19 23.22
CA LEU A 342 30.96 15.62 24.20
C LEU A 342 30.69 14.54 25.22
N ALA A 343 30.60 13.28 24.79
CA ALA A 343 30.30 12.21 25.72
C ALA A 343 31.37 12.09 26.80
N GLU A 344 32.64 12.22 26.42
CA GLU A 344 33.72 12.15 27.39
C GLU A 344 33.53 13.17 28.50
N ILE A 345 32.93 14.32 28.16
CA ILE A 345 32.71 15.36 29.16
C ILE A 345 31.68 14.90 30.18
N TYR A 346 30.65 14.18 29.74
CA TYR A 346 29.57 13.80 30.64
C TYR A 346 30.07 12.86 31.73
N VAL A 347 30.81 11.82 31.35
CA VAL A 347 31.29 10.86 32.33
C VAL A 347 32.15 11.52 33.40
N ASN A 348 32.76 12.66 33.10
CA ASN A 348 33.54 13.40 34.06
C ASN A 348 32.72 14.40 34.85
N SER A 349 31.42 14.51 34.55
CA SER A 349 30.55 15.46 35.21
C SER A 349 30.08 14.90 36.55
N SER A 350 29.60 15.81 37.41
CA SER A 350 29.00 15.40 38.67
C SER A 350 27.75 14.58 38.44
N PHE A 351 27.02 14.88 37.36
CA PHE A 351 25.77 14.18 37.09
C PHE A 351 26.01 12.68 36.92
N TYR A 352 27.04 12.31 36.16
CA TYR A 352 27.36 10.90 35.97
C TYR A 352 27.75 10.25 37.29
N LYS A 353 28.49 10.98 38.13
CA LYS A 353 28.89 10.43 39.43
C LYS A 353 27.67 10.14 40.29
N GLU A 354 26.71 11.06 40.33
CA GLU A 354 25.55 10.87 41.20
C GLU A 354 24.75 9.64 40.79
N THR A 355 24.47 9.49 39.49
CA THR A 355 23.65 8.37 39.05
C THR A 355 24.38 7.04 39.24
N LYS A 356 25.70 7.03 39.01
CA LYS A 356 26.47 5.82 39.27
C LYS A 356 26.35 5.40 40.72
N ALA A 357 26.41 6.38 41.63
CA ALA A 357 26.26 6.07 43.05
C ALA A 357 24.89 5.47 43.34
N GLU A 358 23.84 6.04 42.76
CA GLU A 358 22.49 5.53 43.01
C GLU A 358 22.28 4.18 42.34
N LEU A 359 22.73 4.04 41.08
CA LEU A 359 22.52 2.78 40.37
C LEU A 359 23.25 1.63 41.03
N HIS A 360 24.52 1.83 41.38
CA HIS A 360 25.25 0.80 42.10
C HIS A 360 24.59 0.50 43.44
N GLN A 361 24.07 1.53 44.10
CA GLN A 361 23.40 1.33 45.37
C GLN A 361 22.18 0.45 45.23
N LEU A 362 21.39 0.67 44.17
CA LEU A 362 20.14 -0.08 44.01
C LEU A 362 20.40 -1.57 43.83
N SER A 363 21.47 -1.92 43.12
CA SER A 363 21.80 -3.31 42.85
C SER A 363 21.74 -4.15 44.13
N SER A 378 0.84 -13.15 31.96
CA SER A 378 -0.51 -13.09 32.52
C SER A 378 -1.39 -12.18 31.69
N TYR A 379 -2.67 -12.55 31.55
CA TYR A 379 -3.63 -11.80 30.77
C TYR A 379 -4.81 -11.42 31.65
N THR A 380 -5.28 -10.18 31.49
CA THR A 380 -6.35 -9.68 32.37
C THR A 380 -7.63 -10.47 32.18
N THR A 381 -8.02 -10.74 30.93
CA THR A 381 -9.29 -11.35 30.59
C THR A 381 -9.05 -12.71 29.95
N SER A 382 -10.06 -13.57 30.06
CA SER A 382 -9.91 -14.97 29.68
C SER A 382 -10.01 -15.18 28.18
N PHE A 383 -10.05 -16.44 27.76
CA PHE A 383 -10.02 -16.86 26.37
C PHE A 383 -11.26 -16.43 25.60
N CYS A 384 -12.44 -16.72 26.15
CA CYS A 384 -13.69 -16.50 25.43
C CYS A 384 -13.89 -15.03 25.09
N HIS A 385 -13.59 -14.15 26.05
CA HIS A 385 -13.78 -12.72 25.80
C HIS A 385 -12.90 -12.24 24.67
N GLN A 386 -11.63 -12.66 24.67
CA GLN A 386 -10.74 -12.31 23.58
C GLN A 386 -11.26 -12.81 22.25
N LEU A 387 -11.75 -14.05 22.24
CA LEU A 387 -12.27 -14.62 21.00
C LEU A 387 -13.44 -13.79 20.46
N ARG A 388 -14.37 -13.43 21.34
CA ARG A 388 -15.54 -12.67 20.90
C ARG A 388 -15.14 -11.33 20.33
N TRP A 389 -14.24 -10.62 21.01
CA TRP A 389 -13.91 -9.27 20.56
C TRP A 389 -13.08 -9.29 19.28
N VAL A 390 -12.17 -10.25 19.15
CA VAL A 390 -11.39 -10.35 17.92
C VAL A 390 -12.31 -10.66 16.75
N SER A 391 -13.22 -11.62 16.91
CA SER A 391 -14.13 -11.96 15.83
C SER A 391 -15.00 -10.77 15.46
N LYS A 392 -15.42 -9.99 16.45
CA LYS A 392 -16.23 -8.81 16.16
C LYS A 392 -15.47 -7.80 15.31
N ARG A 393 -14.24 -7.47 15.72
CA ARG A 393 -13.45 -6.52 14.95
C ARG A 393 -13.21 -7.05 13.54
N SER A 394 -13.01 -8.36 13.40
CA SER A 394 -12.79 -8.93 12.08
C SER A 394 -14.04 -8.82 11.21
N PHE A 395 -15.21 -9.06 11.79
CA PHE A 395 -16.45 -8.83 11.06
C PHE A 395 -16.47 -7.42 10.50
N LYS A 396 -16.21 -6.42 11.34
CA LYS A 396 -16.30 -5.04 10.90
C LYS A 396 -15.26 -4.73 9.82
N ASN A 397 -14.03 -5.21 10.03
CA ASN A 397 -12.98 -4.96 9.03
C ASN A 397 -13.35 -5.59 7.70
N LEU A 398 -13.91 -6.79 7.73
CA LEU A 398 -14.30 -7.46 6.49
C LEU A 398 -15.37 -6.67 5.76
N LEU A 399 -16.40 -6.23 6.49
CA LEU A 399 -17.45 -5.45 5.86
C LEU A 399 -16.94 -4.10 5.35
N GLY A 400 -15.90 -3.57 5.99
CA GLY A 400 -15.37 -2.29 5.57
C GLY A 400 -14.55 -2.38 4.30
N ASN A 401 -13.99 -3.55 4.01
CA ASN A 401 -13.28 -3.76 2.76
C ASN A 401 -14.20 -4.46 1.77
N PRO A 402 -14.93 -3.71 0.96
CA PRO A 402 -15.97 -4.33 0.12
C PRO A 402 -15.45 -5.36 -0.86
N GLN A 403 -14.22 -5.19 -1.36
CA GLN A 403 -13.78 -6.01 -2.48
C GLN A 403 -13.71 -7.49 -2.11
N ALA A 404 -13.67 -7.79 -0.82
CA ALA A 404 -13.47 -9.16 -0.37
C ALA A 404 -14.75 -9.87 0.03
N SER A 405 -15.80 -9.13 0.40
CA SER A 405 -17.05 -9.77 0.81
C SER A 405 -18.19 -9.48 -0.16
N ILE A 406 -18.52 -8.21 -0.32
CA ILE A 406 -19.66 -7.84 -1.14
C ILE A 406 -19.37 -8.18 -2.59
N ALA A 407 -18.18 -7.83 -3.07
CA ALA A 407 -17.84 -8.07 -4.46
C ALA A 407 -17.81 -9.56 -4.77
N GLN A 408 -17.23 -10.36 -3.87
CA GLN A 408 -17.20 -11.80 -4.09
C GLN A 408 -18.59 -12.40 -4.15
N ILE A 409 -19.50 -12.00 -3.27
CA ILE A 409 -20.86 -12.49 -3.33
C ILE A 409 -21.55 -12.07 -4.63
N ILE A 410 -21.38 -10.81 -5.04
CA ILE A 410 -22.05 -10.34 -6.25
C ILE A 410 -21.54 -11.09 -7.48
N VAL A 411 -20.23 -11.23 -7.60
CA VAL A 411 -19.68 -11.94 -8.75
C VAL A 411 -20.09 -13.41 -8.70
N THR A 412 -20.20 -13.97 -7.50
CA THR A 412 -20.71 -15.33 -7.37
C THR A 412 -22.10 -15.46 -7.99
N VAL A 413 -22.99 -14.53 -7.65
CA VAL A 413 -24.35 -14.60 -8.19
C VAL A 413 -24.33 -14.42 -9.70
N VAL A 414 -23.58 -13.43 -10.18
CA VAL A 414 -23.54 -13.16 -11.61
C VAL A 414 -23.01 -14.37 -12.38
N LEU A 415 -21.93 -14.97 -11.87
CA LEU A 415 -21.39 -16.16 -12.51
C LEU A 415 -22.40 -17.29 -12.50
N GLY A 416 -23.10 -17.48 -11.39
CA GLY A 416 -24.10 -18.53 -11.35
C GLY A 416 -25.16 -18.36 -12.42
N LEU A 417 -25.66 -17.14 -12.57
CA LEU A 417 -26.70 -16.90 -13.57
C LEU A 417 -26.16 -17.09 -14.97
N VAL A 418 -24.98 -16.55 -15.26
CA VAL A 418 -24.43 -16.68 -16.60
C VAL A 418 -24.18 -18.15 -16.93
N ILE A 419 -23.60 -18.90 -16.00
CA ILE A 419 -23.38 -20.32 -16.21
C ILE A 419 -24.70 -21.03 -16.48
N GLY A 420 -25.73 -20.71 -15.67
CA GLY A 420 -27.02 -21.33 -15.91
C GLY A 420 -27.53 -21.06 -17.31
N ALA A 421 -27.27 -19.86 -17.83
CA ALA A 421 -27.73 -19.54 -19.18
C ALA A 421 -26.89 -20.26 -20.23
N ILE A 422 -25.58 -20.33 -20.03
CA ILE A 422 -24.70 -20.91 -21.04
C ILE A 422 -24.95 -22.40 -21.19
N TYR A 423 -25.05 -23.11 -20.07
CA TYR A 423 -25.18 -24.57 -20.08
C TYR A 423 -26.63 -25.02 -19.96
N PHE A 424 -27.58 -24.11 -20.14
CA PHE A 424 -28.97 -24.47 -19.90
C PHE A 424 -29.39 -25.66 -20.73
N GLY A 425 -30.07 -26.60 -20.09
CA GLY A 425 -30.59 -27.76 -20.77
C GLY A 425 -29.50 -28.73 -21.19
N LEU A 426 -28.76 -29.26 -20.23
CA LEU A 426 -27.76 -30.27 -20.55
C LEU A 426 -28.45 -31.51 -21.10
N LYS A 427 -27.91 -32.02 -22.19
CA LYS A 427 -28.53 -33.11 -22.93
C LYS A 427 -27.63 -34.34 -22.90
N ASN A 428 -28.26 -35.51 -22.86
CA ASN A 428 -27.55 -36.78 -22.92
C ASN A 428 -27.20 -37.06 -24.39
N ASP A 429 -26.33 -36.22 -24.92
CA ASP A 429 -25.90 -36.29 -26.31
C ASP A 429 -24.39 -36.38 -26.37
N SER A 430 -23.81 -36.23 -27.56
CA SER A 430 -22.37 -36.27 -27.70
C SER A 430 -21.70 -35.17 -26.90
N THR A 431 -22.40 -34.04 -26.72
CA THR A 431 -21.83 -32.88 -26.07
C THR A 431 -22.04 -32.87 -24.56
N GLY A 432 -22.80 -33.81 -24.01
CA GLY A 432 -23.12 -33.75 -22.60
C GLY A 432 -21.91 -33.93 -21.70
N ILE A 433 -21.04 -34.86 -22.07
CA ILE A 433 -19.86 -35.16 -21.26
C ILE A 433 -18.98 -33.93 -21.16
N GLN A 434 -18.72 -33.28 -22.28
CA GLN A 434 -17.84 -32.13 -22.34
C GLN A 434 -18.36 -30.98 -21.47
N ASN A 435 -19.63 -30.63 -21.64
CA ASN A 435 -20.20 -29.52 -20.88
C ASN A 435 -20.24 -29.83 -19.38
N ARG A 436 -20.62 -31.06 -19.02
CA ARG A 436 -20.67 -31.41 -17.61
C ARG A 436 -19.29 -31.30 -16.97
N ALA A 437 -18.28 -31.91 -17.58
CA ALA A 437 -16.94 -31.83 -17.03
C ALA A 437 -16.47 -30.38 -16.95
N GLY A 438 -16.74 -29.60 -17.98
CA GLY A 438 -16.28 -28.22 -17.97
C GLY A 438 -16.88 -27.40 -16.85
N VAL A 439 -18.20 -27.53 -16.65
CA VAL A 439 -18.85 -26.72 -15.62
C VAL A 439 -18.34 -27.12 -14.24
N LEU A 440 -18.21 -28.43 -13.98
CA LEU A 440 -17.73 -28.86 -12.68
C LEU A 440 -16.31 -28.36 -12.44
N PHE A 441 -15.46 -28.43 -13.47
CA PHE A 441 -14.10 -27.91 -13.35
C PHE A 441 -14.11 -26.42 -13.04
N PHE A 442 -14.98 -25.66 -13.70
CA PHE A 442 -15.04 -24.23 -13.48
C PHE A 442 -15.42 -23.92 -12.04
N LEU A 443 -16.46 -24.58 -11.53
CA LEU A 443 -16.89 -24.34 -10.16
C LEU A 443 -15.76 -24.65 -9.18
N THR A 444 -15.08 -25.78 -9.39
CA THR A 444 -14.01 -26.16 -8.48
C THR A 444 -12.90 -25.13 -8.46
N THR A 445 -12.40 -24.74 -9.64
CA THR A 445 -11.33 -23.75 -9.68
C THR A 445 -11.78 -22.42 -9.12
N ASN A 446 -13.05 -22.05 -9.33
CA ASN A 446 -13.54 -20.80 -8.78
C ASN A 446 -13.47 -20.81 -7.26
N GLN A 447 -13.86 -21.93 -6.65
CA GLN A 447 -13.76 -22.04 -5.20
C GLN A 447 -12.31 -21.95 -4.74
N CYS A 448 -11.39 -22.58 -5.49
CA CYS A 448 -10.00 -22.61 -5.07
C CYS A 448 -9.35 -21.24 -5.17
N PHE A 449 -9.56 -20.54 -6.29
CA PHE A 449 -8.87 -19.28 -6.53
C PHE A 449 -9.50 -18.09 -5.82
N SER A 450 -10.73 -18.21 -5.33
CA SER A 450 -11.35 -17.10 -4.61
C SER A 450 -10.77 -16.93 -3.21
N SER A 451 -10.02 -17.90 -2.71
CA SER A 451 -9.49 -17.82 -1.35
C SER A 451 -8.34 -16.83 -1.26
N VAL A 452 -7.70 -16.50 -2.39
CA VAL A 452 -6.55 -15.61 -2.36
C VAL A 452 -6.94 -14.24 -1.79
N SER A 453 -8.11 -13.75 -2.16
CA SER A 453 -8.49 -12.39 -1.80
C SER A 453 -8.59 -12.22 -0.29
N ALA A 454 -9.19 -13.19 0.39
CA ALA A 454 -9.45 -13.04 1.82
C ALA A 454 -8.16 -13.05 2.63
N VAL A 455 -7.27 -13.99 2.36
CA VAL A 455 -6.05 -14.13 3.16
C VAL A 455 -5.20 -12.86 3.07
N GLU A 456 -5.22 -12.18 1.92
CA GLU A 456 -4.43 -10.97 1.78
C GLU A 456 -4.72 -9.99 2.90
N LEU A 457 -5.96 -9.93 3.38
CA LEU A 457 -6.27 -9.13 4.56
C LEU A 457 -5.57 -9.68 5.79
N PHE A 458 -5.40 -11.00 5.86
CA PHE A 458 -4.65 -11.59 6.96
C PHE A 458 -3.20 -11.14 6.92
N VAL A 459 -2.66 -10.93 5.71
CA VAL A 459 -1.28 -10.52 5.57
C VAL A 459 -1.08 -9.09 6.06
N VAL A 460 -1.93 -8.17 5.61
CA VAL A 460 -1.70 -6.75 5.88
C VAL A 460 -1.76 -6.46 7.37
N GLU A 461 -2.42 -7.31 8.15
CA GLU A 461 -2.61 -7.06 9.56
C GLU A 461 -1.54 -7.70 10.43
N LYS A 462 -0.43 -8.15 9.83
CA LYS A 462 0.65 -8.74 10.63
C LYS A 462 1.20 -7.73 11.63
N LYS A 463 1.45 -6.50 11.17
CA LYS A 463 2.02 -5.47 12.03
C LYS A 463 1.14 -5.24 13.26
N LEU A 464 -0.16 -5.08 13.03
CA LEU A 464 -1.09 -4.85 14.13
C LEU A 464 -1.11 -6.03 15.09
N PHE A 465 -1.09 -7.25 14.56
CA PHE A 465 -1.09 -8.43 15.42
C PHE A 465 0.13 -8.46 16.32
N ILE A 466 1.31 -8.18 15.76
CA ILE A 466 2.53 -8.18 16.56
C ILE A 466 2.44 -7.12 17.64
N HIS A 467 2.03 -5.91 17.27
CA HIS A 467 1.96 -4.82 18.23
C HIS A 467 1.01 -5.14 19.37
N GLU A 468 -0.16 -5.72 19.04
CA GLU A 468 -1.14 -6.00 20.06
C GLU A 468 -0.73 -7.16 20.95
N TYR A 469 -0.11 -8.20 20.37
CA TYR A 469 0.35 -9.31 21.21
C TYR A 469 1.42 -8.84 22.17
N ILE A 470 2.36 -8.04 21.69
CA ILE A 470 3.41 -7.53 22.58
C ILE A 470 2.79 -6.68 23.68
N SER A 471 1.85 -5.80 23.32
CA SER A 471 1.23 -4.95 24.32
C SER A 471 0.42 -5.74 25.34
N GLY A 472 0.14 -7.00 25.09
CA GLY A 472 -0.56 -7.85 26.03
C GLY A 472 -2.06 -7.94 25.85
N TYR A 473 -2.58 -7.59 24.68
CA TYR A 473 -4.02 -7.67 24.47
C TYR A 473 -4.53 -9.10 24.61
N TYR A 474 -4.08 -9.98 23.71
CA TYR A 474 -4.67 -11.31 23.57
C TYR A 474 -3.58 -12.33 23.32
N ARG A 475 -3.98 -13.59 23.38
CA ARG A 475 -3.11 -14.70 23.02
C ARG A 475 -3.08 -14.89 21.51
N VAL A 476 -2.20 -15.80 21.07
CA VAL A 476 -2.18 -16.17 19.65
C VAL A 476 -3.41 -16.99 19.30
N SER A 477 -3.75 -17.96 20.14
CA SER A 477 -4.87 -18.85 19.87
C SER A 477 -6.15 -18.07 19.64
N SER A 478 -6.43 -17.08 20.49
CA SER A 478 -7.65 -16.31 20.36
C SER A 478 -7.69 -15.56 19.03
N TYR A 479 -6.57 -14.94 18.66
CA TYR A 479 -6.51 -14.24 17.39
C TYR A 479 -6.80 -15.18 16.24
N PHE A 480 -6.15 -16.35 16.25
CA PHE A 480 -6.33 -17.32 15.19
C PHE A 480 -7.80 -17.72 15.06
N LEU A 481 -8.36 -18.28 16.12
CA LEU A 481 -9.73 -18.79 16.06
C LEU A 481 -10.72 -17.67 15.77
N GLY A 482 -10.47 -16.46 16.26
CA GLY A 482 -11.37 -15.36 15.96
C GLY A 482 -11.39 -15.02 14.49
N LYS A 483 -10.20 -14.91 13.88
CA LYS A 483 -10.17 -14.61 12.46
C LYS A 483 -10.82 -15.72 11.65
N LEU A 484 -10.67 -16.97 12.09
CA LEU A 484 -11.38 -18.06 11.41
C LEU A 484 -12.89 -17.89 11.51
N LEU A 485 -13.42 -17.90 12.73
CA LEU A 485 -14.86 -17.85 12.92
C LEU A 485 -15.47 -16.53 12.50
N SER A 486 -14.68 -15.57 12.02
CA SER A 486 -15.23 -14.30 11.57
C SER A 486 -15.09 -14.12 10.07
N ASP A 487 -14.01 -14.63 9.50
CA ASP A 487 -13.67 -14.38 8.10
C ASP A 487 -13.75 -15.65 7.26
N LEU A 488 -13.02 -16.69 7.65
CA LEU A 488 -12.93 -17.89 6.82
C LEU A 488 -14.24 -18.67 6.82
N LEU A 489 -14.81 -18.91 8.01
CA LEU A 489 -15.94 -19.83 8.10
C LEU A 489 -17.21 -19.25 7.50
N PRO A 490 -17.64 -18.03 7.85
CA PRO A 490 -18.93 -17.54 7.34
C PRO A 490 -18.93 -17.29 5.85
N MET A 491 -17.91 -16.59 5.37
CA MET A 491 -17.94 -16.07 4.01
C MET A 491 -17.67 -17.17 2.99
N ARG A 492 -16.81 -18.13 3.32
CA ARG A 492 -16.46 -19.17 2.35
C ARG A 492 -17.56 -20.21 2.19
N MET A 493 -18.49 -20.27 3.15
CA MET A 493 -19.58 -21.24 3.06
C MET A 493 -20.62 -20.81 2.04
N LEU A 494 -20.94 -19.52 2.01
CA LEU A 494 -22.05 -19.05 1.16
C LEU A 494 -21.86 -19.34 -0.32
N PRO A 495 -20.71 -19.05 -0.92
CA PRO A 495 -20.60 -19.23 -2.38
C PRO A 495 -20.98 -20.62 -2.84
N SER A 496 -20.62 -21.65 -2.07
CA SER A 496 -21.03 -23.01 -2.41
C SER A 496 -22.54 -23.11 -2.49
N ILE A 497 -23.24 -22.61 -1.48
CA ILE A 497 -24.70 -22.72 -1.44
C ILE A 497 -25.31 -21.96 -2.62
N ILE A 498 -24.84 -20.75 -2.87
CA ILE A 498 -25.39 -19.95 -3.96
C ILE A 498 -25.19 -20.67 -5.28
N PHE A 499 -23.99 -21.17 -5.52
CA PHE A 499 -23.69 -21.84 -6.79
C PHE A 499 -24.59 -23.06 -6.98
N THR A 500 -24.68 -23.91 -5.96
CA THR A 500 -25.51 -25.11 -6.10
C THR A 500 -26.96 -24.73 -6.37
N CYS A 501 -27.53 -23.87 -5.53
CA CYS A 501 -28.95 -23.55 -5.66
C CYS A 501 -29.26 -22.99 -7.04
N ILE A 502 -28.45 -22.06 -7.53
CA ILE A 502 -28.74 -21.43 -8.82
C ILE A 502 -28.50 -22.42 -9.96
N VAL A 503 -27.37 -23.12 -9.94
CA VAL A 503 -26.91 -23.84 -11.12
C VAL A 503 -27.64 -25.18 -11.27
N TYR A 504 -27.77 -25.92 -10.18
CA TYR A 504 -28.11 -27.34 -10.28
C TYR A 504 -29.38 -27.56 -11.08
N PHE A 505 -30.42 -26.78 -10.81
CA PHE A 505 -31.71 -27.05 -11.43
C PHE A 505 -31.81 -26.45 -12.82
N MET A 506 -31.17 -25.30 -13.05
CA MET A 506 -31.18 -24.72 -14.38
C MET A 506 -30.48 -25.63 -15.38
N LEU A 507 -29.33 -26.19 -15.00
CA LEU A 507 -28.60 -27.06 -15.92
C LEU A 507 -29.34 -28.37 -16.13
N GLY A 508 -29.84 -28.97 -15.07
CA GLY A 508 -30.49 -30.26 -15.16
C GLY A 508 -29.54 -31.41 -14.85
N LEU A 509 -28.86 -31.30 -13.72
CA LEU A 509 -27.97 -32.35 -13.25
C LEU A 509 -28.81 -33.45 -12.61
N LYS A 510 -28.15 -34.37 -11.91
CA LYS A 510 -28.84 -35.51 -11.33
C LYS A 510 -30.02 -35.04 -10.50
N PRO A 511 -31.25 -35.38 -10.87
CA PRO A 511 -32.43 -34.90 -10.11
C PRO A 511 -32.72 -35.75 -8.88
N LYS A 512 -31.75 -35.87 -7.99
CA LYS A 512 -31.91 -36.53 -6.71
C LYS A 512 -31.28 -35.67 -5.63
N ALA A 513 -31.91 -35.66 -4.45
CA ALA A 513 -31.47 -34.78 -3.37
C ALA A 513 -30.06 -35.12 -2.89
N ASP A 514 -29.76 -36.42 -2.78
CA ASP A 514 -28.45 -36.82 -2.29
C ASP A 514 -27.34 -36.16 -3.09
N ALA A 515 -27.47 -36.15 -4.42
CA ALA A 515 -26.46 -35.51 -5.25
C ALA A 515 -26.36 -34.02 -4.94
N PHE A 516 -27.51 -33.37 -4.75
CA PHE A 516 -27.51 -31.94 -4.45
C PHE A 516 -26.70 -31.64 -3.19
N PHE A 517 -26.99 -32.34 -2.10
CA PHE A 517 -26.30 -32.04 -0.85
C PHE A 517 -24.85 -32.47 -0.92
N VAL A 518 -24.54 -33.54 -1.65
CA VAL A 518 -23.16 -33.95 -1.82
C VAL A 518 -22.37 -32.86 -2.54
N MET A 519 -22.97 -32.28 -3.58
CA MET A 519 -22.31 -31.21 -4.31
C MET A 519 -22.02 -30.02 -3.39
N MET A 520 -23.02 -29.63 -2.61
CA MET A 520 -22.84 -28.49 -1.70
C MET A 520 -21.72 -28.78 -0.70
N PHE A 521 -21.75 -29.96 -0.09
CA PHE A 521 -20.74 -30.32 0.90
C PHE A 521 -19.35 -30.33 0.29
N THR A 522 -19.22 -30.89 -0.91
CA THR A 522 -17.91 -30.99 -1.55
C THR A 522 -17.34 -29.61 -1.85
N LEU A 523 -18.17 -28.71 -2.37
CA LEU A 523 -17.68 -27.36 -2.65
C LEU A 523 -17.26 -26.66 -1.37
N MET A 524 -18.04 -26.80 -0.29
CA MET A 524 -17.61 -26.24 0.99
C MET A 524 -16.24 -26.75 1.37
N MET A 525 -16.01 -28.06 1.23
CA MET A 525 -14.76 -28.64 1.70
C MET A 525 -13.57 -28.14 0.90
N VAL A 526 -13.71 -28.03 -0.43
CA VAL A 526 -12.58 -27.53 -1.21
C VAL A 526 -12.32 -26.07 -0.86
N ALA A 527 -13.37 -25.29 -0.63
CA ALA A 527 -13.16 -23.90 -0.27
C ALA A 527 -12.37 -23.78 1.02
N TYR A 528 -12.80 -24.51 2.06
CA TYR A 528 -12.10 -24.45 3.33
C TYR A 528 -10.66 -24.94 3.21
N SER A 529 -10.44 -26.01 2.45
CA SER A 529 -9.09 -26.53 2.30
C SER A 529 -8.18 -25.52 1.61
N ALA A 530 -8.68 -24.86 0.57
CA ALA A 530 -7.88 -23.85 -0.11
C ALA A 530 -7.58 -22.68 0.80
N SER A 531 -8.57 -22.23 1.58
CA SER A 531 -8.32 -21.15 2.52
C SER A 531 -7.28 -21.54 3.55
N SER A 532 -7.34 -22.78 4.05
CA SER A 532 -6.36 -23.23 5.02
C SER A 532 -4.96 -23.25 4.43
N MET A 533 -4.83 -23.76 3.20
CA MET A 533 -3.53 -23.76 2.54
C MET A 533 -3.03 -22.33 2.35
N ALA A 534 -3.92 -21.42 1.95
CA ALA A 534 -3.55 -20.03 1.76
C ALA A 534 -3.03 -19.43 3.05
N LEU A 535 -3.72 -19.71 4.16
CA LEU A 535 -3.26 -19.22 5.46
C LEU A 535 -1.89 -19.78 5.80
N ALA A 536 -1.68 -21.08 5.56
CA ALA A 536 -0.41 -21.69 5.88
C ALA A 536 0.72 -21.00 5.13
N ILE A 537 0.51 -20.70 3.86
CA ILE A 537 1.54 -20.03 3.07
C ILE A 537 1.71 -18.59 3.52
N ALA A 538 0.61 -17.87 3.71
CA ALA A 538 0.64 -16.44 3.89
C ALA A 538 0.96 -16.00 5.32
N ALA A 539 0.64 -16.81 6.31
CA ALA A 539 0.88 -16.42 7.69
C ALA A 539 2.36 -16.15 7.91
N GLY A 540 2.66 -15.01 8.54
CA GLY A 540 4.02 -14.65 8.85
C GLY A 540 4.78 -13.99 7.72
N GLN A 541 4.13 -13.69 6.60
CA GLN A 541 4.76 -13.04 5.46
C GLN A 541 4.29 -11.60 5.40
N SER A 542 5.23 -10.67 5.26
CA SER A 542 4.90 -9.26 5.36
C SER A 542 4.39 -8.70 4.04
N VAL A 543 4.94 -9.17 2.92
CA VAL A 543 4.62 -8.61 1.61
C VAL A 543 3.42 -9.32 1.02
N VAL A 544 2.46 -8.54 0.54
CA VAL A 544 1.25 -9.10 -0.05
C VAL A 544 1.57 -9.73 -1.41
N SER A 545 2.36 -9.05 -2.22
CA SER A 545 2.58 -9.50 -3.59
C SER A 545 3.19 -10.89 -3.63
N VAL A 546 4.19 -11.13 -2.79
CA VAL A 546 4.88 -12.42 -2.79
C VAL A 546 3.92 -13.53 -2.40
N ALA A 547 3.13 -13.32 -1.34
CA ALA A 547 2.20 -14.34 -0.90
C ALA A 547 1.15 -14.63 -1.98
N THR A 548 0.61 -13.58 -2.59
CA THR A 548 -0.35 -13.77 -3.66
C THR A 548 0.24 -14.58 -4.79
N LEU A 549 1.47 -14.24 -5.19
CA LEU A 549 2.13 -14.98 -6.25
C LEU A 549 2.29 -16.45 -5.89
N LEU A 550 2.75 -16.74 -4.67
CA LEU A 550 3.00 -18.11 -4.28
C LEU A 550 1.72 -18.93 -4.29
N MET A 551 0.65 -18.40 -3.70
CA MET A 551 -0.60 -19.14 -3.66
C MET A 551 -1.16 -19.35 -5.06
N THR A 552 -1.06 -18.33 -5.92
CA THR A 552 -1.54 -18.47 -7.28
C THR A 552 -0.77 -19.57 -8.02
N ILE A 553 0.55 -19.60 -7.88
CA ILE A 553 1.33 -20.63 -8.55
C ILE A 553 0.96 -22.01 -8.03
N CYS A 554 0.80 -22.16 -6.72
CA CYS A 554 0.46 -23.45 -6.16
C CYS A 554 -0.89 -23.93 -6.71
N PHE A 555 -1.87 -23.03 -6.78
CA PHE A 555 -3.18 -23.42 -7.28
C PHE A 555 -3.10 -23.78 -8.76
N VAL A 556 -2.27 -23.09 -9.54
CA VAL A 556 -2.08 -23.45 -10.93
C VAL A 556 -1.58 -24.89 -11.04
N PHE A 557 -0.52 -25.20 -10.29
CA PHE A 557 0.06 -26.54 -10.38
C PHE A 557 -0.93 -27.59 -9.93
N MET A 558 -1.76 -27.28 -8.94
CA MET A 558 -2.85 -28.18 -8.59
C MET A 558 -3.81 -28.35 -9.76
N MET A 559 -4.16 -27.25 -10.41
CA MET A 559 -5.19 -27.28 -11.45
C MET A 559 -4.77 -28.16 -12.61
N ILE A 560 -3.47 -28.22 -12.91
CA ILE A 560 -3.03 -29.11 -13.98
C ILE A 560 -3.40 -30.56 -13.69
N PHE A 561 -3.45 -30.94 -12.43
CA PHE A 561 -3.74 -32.31 -12.03
C PHE A 561 -5.21 -32.50 -11.63
N SER A 562 -6.10 -31.69 -12.19
CA SER A 562 -7.50 -31.77 -11.83
C SER A 562 -8.20 -32.96 -12.43
N GLY A 563 -7.74 -33.45 -13.58
CA GLY A 563 -8.34 -34.59 -14.23
C GLY A 563 -8.98 -34.30 -15.58
N LEU A 564 -8.97 -33.04 -16.02
CA LEU A 564 -9.56 -32.65 -17.28
C LEU A 564 -8.51 -32.27 -18.32
N LEU A 565 -7.64 -31.33 -17.98
CA LEU A 565 -6.63 -30.88 -18.93
C LEU A 565 -5.68 -32.02 -19.30
N VAL A 566 -5.55 -33.00 -18.43
CA VAL A 566 -4.68 -34.15 -18.66
C VAL A 566 -5.38 -35.39 -18.12
N ASN A 567 -5.08 -36.53 -18.72
CA ASN A 567 -5.63 -37.80 -18.28
C ASN A 567 -4.66 -38.44 -17.31
N LEU A 568 -5.09 -38.63 -16.07
CA LEU A 568 -4.19 -39.06 -15.01
C LEU A 568 -3.70 -40.48 -15.20
N THR A 569 -4.34 -41.26 -16.07
CA THR A 569 -3.88 -42.61 -16.34
C THR A 569 -2.70 -42.65 -17.29
N THR A 570 -2.40 -41.55 -17.97
CA THR A 570 -1.31 -41.50 -18.92
C THR A 570 -0.05 -40.82 -18.36
N ILE A 571 -0.13 -40.27 -17.16
CA ILE A 571 1.02 -39.60 -16.56
C ILE A 571 2.02 -40.64 -16.12
N ALA A 572 3.31 -40.31 -16.27
CA ALA A 572 4.36 -41.23 -15.88
C ALA A 572 4.32 -41.49 -14.38
N SER A 573 4.87 -42.65 -14.00
CA SER A 573 4.76 -43.09 -12.61
C SER A 573 5.51 -42.17 -11.67
N TRP A 574 6.67 -41.65 -12.09
CA TRP A 574 7.51 -40.90 -11.17
C TRP A 574 6.95 -39.51 -10.88
N LEU A 575 5.94 -39.09 -11.64
CA LEU A 575 5.26 -37.82 -11.39
C LEU A 575 3.80 -38.00 -10.98
N SER A 576 3.23 -39.19 -11.16
CA SER A 576 1.82 -39.38 -10.85
C SER A 576 1.52 -39.16 -9.38
N TRP A 577 2.50 -39.39 -8.51
CA TRP A 577 2.25 -39.30 -7.07
C TRP A 577 1.83 -37.89 -6.67
N LEU A 578 2.22 -36.89 -7.47
CA LEU A 578 1.88 -35.50 -7.17
C LEU A 578 0.38 -35.27 -7.20
N GLN A 579 -0.35 -36.14 -7.91
CA GLN A 579 -1.78 -35.93 -8.06
C GLN A 579 -2.53 -36.10 -6.75
N TYR A 580 -1.88 -36.61 -5.70
CA TYR A 580 -2.51 -36.76 -4.40
C TYR A 580 -2.38 -35.51 -3.53
N PHE A 581 -1.67 -34.49 -3.99
CA PHE A 581 -1.54 -33.22 -3.28
C PHE A 581 -2.49 -32.16 -3.81
N SER A 582 -3.39 -32.52 -4.72
CA SER A 582 -4.21 -31.57 -5.44
C SER A 582 -5.63 -31.59 -4.88
N ILE A 583 -6.11 -30.44 -4.46
CA ILE A 583 -7.45 -30.27 -3.89
C ILE A 583 -8.49 -30.32 -5.01
N PRO A 584 -8.28 -29.59 -6.11
CA PRO A 584 -9.27 -29.64 -7.19
C PRO A 584 -9.50 -31.05 -7.70
N ARG A 585 -8.48 -31.91 -7.66
CA ARG A 585 -8.69 -33.29 -8.11
C ARG A 585 -9.74 -33.98 -7.25
N TYR A 586 -9.63 -33.84 -5.92
CA TYR A 586 -10.58 -34.51 -5.05
C TYR A 586 -12.00 -33.98 -5.27
N GLY A 587 -12.15 -32.65 -5.28
CA GLY A 587 -13.47 -32.10 -5.52
C GLY A 587 -14.03 -32.49 -6.88
N PHE A 588 -13.22 -32.37 -7.92
CA PHE A 588 -13.68 -32.66 -9.27
C PHE A 588 -14.04 -34.13 -9.42
N THR A 589 -13.22 -35.02 -8.87
CA THR A 589 -13.50 -36.44 -8.93
C THR A 589 -14.81 -36.75 -8.22
N ALA A 590 -15.05 -36.15 -7.06
CA ALA A 590 -16.30 -36.39 -6.35
C ALA A 590 -17.49 -35.94 -7.17
N LEU A 591 -17.42 -34.75 -7.75
CA LEU A 591 -18.53 -34.25 -8.54
C LEU A 591 -18.78 -35.12 -9.76
N GLN A 592 -17.72 -35.52 -10.46
CA GLN A 592 -17.87 -36.42 -11.59
C GLN A 592 -18.54 -37.72 -11.16
N HIS A 593 -18.07 -38.31 -10.07
CA HIS A 593 -18.62 -39.57 -9.60
C HIS A 593 -20.10 -39.42 -9.26
N ASN A 594 -20.50 -38.23 -8.81
CA ASN A 594 -21.89 -38.01 -8.44
C ASN A 594 -22.77 -37.86 -9.68
N GLU A 595 -22.23 -37.25 -10.74
CA GLU A 595 -23.08 -36.87 -11.87
C GLU A 595 -23.12 -37.96 -12.94
N PHE A 596 -21.99 -38.59 -13.25
CA PHE A 596 -21.85 -39.45 -14.42
C PHE A 596 -22.28 -40.89 -14.17
N LEU A 597 -22.68 -41.24 -12.95
CA LEU A 597 -22.72 -42.65 -12.58
C LEU A 597 -23.75 -43.44 -13.37
N GLY A 598 -24.92 -42.85 -13.62
CA GLY A 598 -26.02 -43.59 -14.22
C GLY A 598 -26.55 -43.00 -15.51
N GLN A 599 -25.66 -42.51 -16.36
CA GLN A 599 -26.05 -41.80 -17.57
C GLN A 599 -25.57 -42.54 -18.80
N ASN A 600 -26.31 -42.39 -19.90
CA ASN A 600 -25.91 -42.86 -21.21
C ASN A 600 -25.89 -41.68 -22.16
N PHE A 601 -24.80 -41.52 -22.90
CA PHE A 601 -24.60 -40.36 -23.75
C PHE A 601 -24.62 -40.67 -25.24
N CYS A 602 -24.96 -41.91 -25.61
CA CYS A 602 -25.19 -42.22 -27.01
C CYS A 602 -26.69 -42.37 -27.22
N PRO A 603 -27.35 -41.42 -27.90
CA PRO A 603 -28.83 -41.42 -27.88
C PRO A 603 -29.45 -42.68 -28.47
N GLY A 604 -29.11 -43.01 -29.71
CA GLY A 604 -29.73 -44.15 -30.37
C GLY A 604 -28.78 -45.32 -30.49
N LEU A 605 -29.12 -46.43 -29.84
CA LEU A 605 -28.28 -47.61 -29.88
C LEU A 605 -29.05 -48.83 -29.37
N ASN A 611 -23.72 -54.78 -32.13
CA ASN A 611 -22.47 -54.24 -32.63
C ASN A 611 -22.06 -52.98 -31.86
N PRO A 612 -21.46 -53.15 -30.68
CA PRO A 612 -21.00 -51.99 -29.93
C PRO A 612 -19.92 -51.23 -30.69
N CYS A 613 -19.95 -49.91 -30.53
CA CYS A 613 -19.09 -49.00 -31.26
C CYS A 613 -17.87 -48.69 -30.39
N ASN A 614 -16.81 -49.47 -30.56
CA ASN A 614 -15.60 -49.29 -29.78
C ASN A 614 -14.93 -47.97 -30.12
N TYR A 615 -14.17 -47.44 -29.17
CA TYR A 615 -13.56 -46.11 -29.20
C TYR A 615 -14.61 -45.04 -28.93
N ALA A 616 -15.77 -45.40 -28.39
CA ALA A 616 -16.84 -44.47 -28.11
C ALA A 616 -17.28 -44.63 -26.66
N THR A 617 -17.43 -43.50 -25.97
CA THR A 617 -17.85 -43.51 -24.57
C THR A 617 -19.34 -43.17 -24.49
N CYS A 618 -20.15 -44.19 -24.73
CA CYS A 618 -21.59 -43.99 -24.62
C CYS A 618 -22.01 -43.79 -23.17
N THR A 619 -21.54 -44.64 -22.27
CA THR A 619 -21.97 -44.64 -20.89
C THR A 619 -21.01 -43.84 -20.02
N GLY A 620 -21.56 -43.22 -18.98
CA GLY A 620 -20.74 -42.43 -18.09
C GLY A 620 -19.69 -43.24 -17.36
N GLU A 621 -20.07 -44.44 -16.91
CA GLU A 621 -19.15 -45.29 -16.17
C GLU A 621 -17.88 -45.54 -16.97
N GLU A 622 -18.01 -45.74 -18.29
CA GLU A 622 -16.83 -45.91 -19.12
C GLU A 622 -15.93 -44.68 -19.07
N TYR A 623 -16.53 -43.49 -19.10
CA TYR A 623 -15.75 -42.27 -19.02
C TYR A 623 -15.02 -42.19 -17.69
N LEU A 624 -15.72 -42.45 -16.59
CA LEU A 624 -15.07 -42.46 -15.29
C LEU A 624 -13.89 -43.40 -15.28
N VAL A 625 -14.07 -44.61 -15.80
CA VAL A 625 -12.98 -45.59 -15.82
C VAL A 625 -11.81 -45.06 -16.64
N LYS A 626 -12.10 -44.51 -17.82
CA LYS A 626 -11.02 -43.99 -18.64
C LYS A 626 -10.29 -42.83 -17.99
N GLN A 627 -10.94 -42.14 -17.06
CA GLN A 627 -10.30 -41.06 -16.33
C GLN A 627 -9.60 -41.53 -15.06
N GLY A 628 -9.69 -42.81 -14.74
CA GLY A 628 -9.02 -43.37 -13.60
C GLY A 628 -9.89 -43.50 -12.36
N ILE A 629 -11.09 -42.93 -12.36
CA ILE A 629 -11.91 -42.90 -11.17
C ILE A 629 -12.46 -44.28 -10.87
N ASP A 630 -12.70 -44.56 -9.59
CA ASP A 630 -13.35 -45.79 -9.18
C ASP A 630 -14.87 -45.62 -9.17
N LEU A 631 -15.57 -46.74 -9.20
CA LEU A 631 -17.02 -46.75 -9.23
C LEU A 631 -17.64 -47.07 -7.87
N SER A 632 -16.83 -47.47 -6.91
CA SER A 632 -17.37 -47.83 -5.61
C SER A 632 -17.83 -46.59 -4.86
N PRO A 633 -18.71 -46.75 -3.87
CA PRO A 633 -19.09 -45.61 -3.04
C PRO A 633 -17.91 -45.01 -2.28
N TRP A 634 -16.83 -45.77 -2.13
CA TRP A 634 -15.71 -45.30 -1.33
C TRP A 634 -14.90 -44.20 -2.00
N GLY A 635 -14.93 -44.09 -3.33
CA GLY A 635 -14.14 -43.06 -3.98
C GLY A 635 -14.57 -41.66 -3.59
N LEU A 636 -15.87 -41.40 -3.65
CA LEU A 636 -16.41 -40.10 -3.26
C LEU A 636 -15.98 -39.73 -1.84
N TRP A 637 -16.20 -40.62 -0.89
CA TRP A 637 -15.93 -40.31 0.50
C TRP A 637 -14.44 -40.28 0.77
N LYS A 638 -13.65 -41.03 0.01
CA LYS A 638 -12.20 -40.92 0.10
C LYS A 638 -11.75 -39.51 -0.21
N ASN A 639 -12.29 -38.93 -1.28
CA ASN A 639 -11.95 -37.55 -1.61
C ASN A 639 -12.31 -36.61 -0.46
N HIS A 640 -13.50 -36.79 0.10
CA HIS A 640 -13.94 -35.88 1.16
C HIS A 640 -13.05 -35.97 2.39
N VAL A 641 -12.71 -37.19 2.83
CA VAL A 641 -11.89 -37.31 4.03
C VAL A 641 -10.49 -36.76 3.79
N ALA A 642 -9.97 -36.95 2.58
CA ALA A 642 -8.68 -36.36 2.26
C ALA A 642 -8.73 -34.85 2.40
N LEU A 643 -9.81 -34.22 1.94
CA LEU A 643 -9.94 -32.78 2.10
C LEU A 643 -9.95 -32.39 3.57
N ALA A 644 -10.69 -33.13 4.40
CA ALA A 644 -10.74 -32.79 5.82
C ALA A 644 -9.36 -32.87 6.46
N CYS A 645 -8.61 -33.93 6.16
CA CYS A 645 -7.27 -34.06 6.72
C CYS A 645 -6.37 -32.90 6.28
N MET A 646 -6.47 -32.50 5.02
CA MET A 646 -5.67 -31.37 4.56
C MET A 646 -6.05 -30.09 5.31
N ILE A 647 -7.34 -29.90 5.55
CA ILE A 647 -7.78 -28.74 6.32
C ILE A 647 -7.08 -28.70 7.68
N VAL A 648 -7.17 -29.81 8.41
CA VAL A 648 -6.61 -29.84 9.76
C VAL A 648 -5.11 -29.59 9.72
N ILE A 649 -4.41 -30.27 8.81
CA ILE A 649 -2.96 -30.15 8.74
C ILE A 649 -2.57 -28.71 8.47
N PHE A 650 -3.19 -28.07 7.48
CA PHE A 650 -2.77 -26.74 7.08
C PHE A 650 -3.07 -25.71 8.16
N LEU A 651 -4.24 -25.80 8.80
CA LEU A 651 -4.55 -24.85 9.87
C LEU A 651 -3.58 -25.01 11.03
N THR A 652 -3.24 -26.24 11.39
CA THR A 652 -2.27 -26.44 12.46
C THR A 652 -0.92 -25.83 12.10
N ILE A 653 -0.50 -26.00 10.84
CA ILE A 653 0.76 -25.39 10.40
C ILE A 653 0.70 -23.88 10.54
N ALA A 654 -0.45 -23.27 10.19
CA ALA A 654 -0.58 -21.83 10.33
C ALA A 654 -0.43 -21.41 11.79
N TYR A 655 -1.07 -22.14 12.70
CA TYR A 655 -0.95 -21.79 14.11
C TYR A 655 0.50 -21.86 14.57
N LEU A 656 1.22 -22.91 14.17
CA LEU A 656 2.62 -23.02 14.57
C LEU A 656 3.46 -21.89 13.97
N LYS A 657 3.19 -21.53 12.72
CA LYS A 657 3.94 -20.43 12.10
C LYS A 657 3.73 -19.14 12.87
N LEU A 658 2.51 -18.89 13.34
CA LEU A 658 2.28 -17.72 14.17
C LEU A 658 3.00 -17.84 15.51
N LEU A 659 3.01 -19.05 16.09
CA LEU A 659 3.56 -19.22 17.42
C LEU A 659 5.07 -18.96 17.43
N PHE A 660 5.80 -19.57 16.51
CA PHE A 660 7.24 -19.44 16.47
C PHE A 660 7.72 -18.25 15.65
N LEU A 661 6.86 -17.24 15.51
CA LEU A 661 7.24 -16.00 14.87
C LEU A 661 7.99 -15.12 15.85
N LYS A 662 8.83 -14.23 15.30
CA LYS A 662 9.65 -13.32 16.10
C LYS A 662 8.80 -12.11 16.46
N LYS A 663 8.26 -12.12 17.69
CA LYS A 663 7.41 -11.04 18.18
C LYS A 663 8.25 -10.13 19.05
N TYR A 664 9.04 -9.28 18.39
CA TYR A 664 9.96 -8.38 19.08
C TYR A 664 10.21 -7.14 18.24
N GLY B 44 13.13 41.23 -11.03
CA GLY B 44 12.53 40.18 -10.24
C GLY B 44 11.08 39.93 -10.59
N ALA B 45 10.48 38.95 -9.92
CA ALA B 45 9.09 38.54 -10.17
C ALA B 45 8.22 39.05 -9.05
N VAL B 46 7.17 39.80 -9.40
CA VAL B 46 6.26 40.36 -8.41
C VAL B 46 4.89 39.71 -8.55
N LEU B 47 4.66 38.64 -7.81
CA LEU B 47 3.37 37.99 -7.83
C LEU B 47 2.36 38.81 -7.04
N SER B 48 1.08 38.56 -7.31
CA SER B 48 0.00 39.33 -6.70
C SER B 48 -1.29 38.54 -6.82
N PHE B 49 -2.23 38.87 -5.95
CA PHE B 49 -3.57 38.32 -6.02
C PHE B 49 -4.54 39.29 -5.38
N HIS B 50 -5.81 39.12 -5.71
CA HIS B 50 -6.82 40.09 -5.30
C HIS B 50 -8.20 39.45 -5.34
N ASN B 51 -8.91 39.52 -4.23
CA ASN B 51 -10.30 39.09 -4.12
C ASN B 51 -10.46 37.60 -4.38
N ILE B 52 -9.41 36.82 -4.13
CA ILE B 52 -9.48 35.38 -4.37
C ILE B 52 -10.53 34.74 -3.47
N CYS B 53 -11.31 33.84 -4.06
CA CYS B 53 -12.17 32.92 -3.32
C CYS B 53 -12.23 31.62 -4.12
N TYR B 54 -12.38 30.51 -3.41
CA TYR B 54 -12.38 29.20 -4.04
C TYR B 54 -13.51 28.36 -3.49
N ARG B 55 -14.09 27.53 -4.36
CA ARG B 55 -15.24 26.71 -4.03
C ARG B 55 -14.98 25.27 -4.44
N VAL B 56 -15.49 24.34 -3.63
CA VAL B 56 -15.30 22.91 -3.87
C VAL B 56 -16.63 22.21 -3.70
N LYS B 57 -16.81 21.10 -4.40
CA LYS B 57 -18.03 20.30 -4.31
C LYS B 57 -17.74 18.92 -3.74
N PRO B 68 -23.91 19.64 -6.62
CA PRO B 68 -24.26 19.41 -5.22
C PRO B 68 -23.89 20.58 -4.33
N VAL B 69 -23.71 20.31 -3.03
CA VAL B 69 -23.30 21.37 -2.11
C VAL B 69 -21.91 21.87 -2.50
N GLU B 70 -21.76 23.19 -2.54
CA GLU B 70 -20.48 23.84 -2.78
C GLU B 70 -20.08 24.61 -1.54
N LYS B 71 -18.85 24.41 -1.09
CA LYS B 71 -18.34 25.09 0.09
C LYS B 71 -17.07 25.84 -0.27
N GLU B 72 -16.84 26.94 0.44
CA GLU B 72 -15.71 27.83 0.18
C GLU B 72 -14.58 27.46 1.13
N ILE B 73 -13.54 26.82 0.58
CA ILE B 73 -12.34 26.55 1.37
C ILE B 73 -11.63 27.85 1.69
N LEU B 74 -11.57 28.77 0.74
CA LEU B 74 -10.88 30.04 0.89
C LEU B 74 -11.86 31.17 0.62
N SER B 75 -12.00 32.06 1.60
CA SER B 75 -12.82 33.25 1.46
C SER B 75 -11.95 34.40 0.97
N ASN B 76 -12.44 35.64 1.07
CA ASN B 76 -11.72 36.79 0.55
C ASN B 76 -10.25 36.75 0.95
N ILE B 77 -9.38 36.84 -0.04
CA ILE B 77 -7.94 36.85 0.17
C ILE B 77 -7.33 37.88 -0.77
N ASN B 78 -6.45 38.73 -0.23
CA ASN B 78 -5.75 39.74 -1.00
C ASN B 78 -4.33 39.85 -0.48
N GLY B 79 -3.36 39.86 -1.38
CA GLY B 79 -1.97 39.95 -0.97
C GLY B 79 -1.04 40.11 -2.15
N ILE B 80 0.17 40.58 -1.83
CA ILE B 80 1.23 40.75 -2.82
C ILE B 80 2.46 40.03 -2.29
N MET B 81 2.99 39.11 -3.10
CA MET B 81 4.19 38.35 -2.74
C MET B 81 5.36 38.91 -3.54
N LYS B 82 5.92 40.00 -3.05
CA LYS B 82 7.04 40.64 -3.71
C LYS B 82 8.28 39.76 -3.63
N PRO B 83 9.26 39.99 -4.50
CA PRO B 83 10.49 39.19 -4.45
C PRO B 83 11.09 39.16 -3.06
N GLY B 84 11.89 38.12 -2.80
CA GLY B 84 12.48 37.89 -1.50
C GLY B 84 12.07 36.54 -0.94
N LEU B 85 11.61 36.55 0.31
CA LEU B 85 11.21 35.35 1.02
C LEU B 85 9.88 35.60 1.70
N ASN B 86 8.87 34.80 1.35
CA ASN B 86 7.53 34.95 1.85
C ASN B 86 7.04 33.64 2.44
N ALA B 87 6.16 33.74 3.42
CA ALA B 87 5.77 32.59 4.21
C ALA B 87 4.26 32.58 4.44
N ILE B 88 3.74 31.39 4.73
CA ILE B 88 2.33 31.18 4.98
C ILE B 88 2.17 30.32 6.22
N LEU B 89 2.00 30.96 7.39
CA LEU B 89 1.75 30.22 8.61
C LEU B 89 0.26 30.08 8.84
N GLY B 90 -0.13 28.99 9.48
CA GLY B 90 -1.51 28.77 9.82
C GLY B 90 -1.74 27.44 10.50
N PRO B 91 -2.87 27.30 11.19
CA PRO B 91 -3.21 26.03 11.82
C PRO B 91 -3.59 24.99 10.79
N THR B 92 -3.48 23.72 11.22
CA THR B 92 -3.85 22.63 10.34
C THR B 92 -5.30 22.76 9.89
N GLY B 93 -5.53 22.54 8.60
CA GLY B 93 -6.84 22.70 8.03
C GLY B 93 -7.22 24.12 7.68
N GLY B 94 -6.34 25.08 7.92
CA GLY B 94 -6.67 26.46 7.60
C GLY B 94 -6.83 26.70 6.11
N GLY B 95 -6.05 26.01 5.30
CA GLY B 95 -6.03 26.23 3.87
C GLY B 95 -4.69 26.61 3.29
N LYS B 96 -3.58 26.22 3.92
CA LYS B 96 -2.27 26.64 3.44
C LYS B 96 -1.93 25.97 2.12
N SER B 97 -2.19 24.67 2.01
CA SER B 97 -1.86 23.94 0.79
C SER B 97 -2.74 24.36 -0.38
N SER B 98 -4.00 24.70 -0.09
CA SER B 98 -4.93 25.06 -1.16
C SER B 98 -4.55 26.39 -1.80
N LEU B 99 -4.23 27.40 -0.99
CA LEU B 99 -3.84 28.69 -1.53
C LEU B 99 -2.62 28.55 -2.41
N LEU B 100 -1.65 27.73 -1.99
CA LEU B 100 -0.43 27.57 -2.77
C LEU B 100 -0.73 27.04 -4.16
N ASP B 101 -1.58 26.01 -4.25
CA ASP B 101 -1.93 25.47 -5.55
C ASP B 101 -2.64 26.50 -6.42
N VAL B 102 -3.52 27.29 -5.81
CA VAL B 102 -4.22 28.34 -6.54
C VAL B 102 -3.21 29.30 -7.17
N LEU B 103 -2.17 29.66 -6.41
CA LEU B 103 -1.18 30.58 -6.94
C LEU B 103 -0.36 29.94 -8.06
N ALA B 104 -0.14 28.64 -7.98
CA ALA B 104 0.67 27.91 -8.95
C ALA B 104 -0.16 27.24 -10.03
N ALA B 105 -1.46 27.49 -10.07
CA ALA B 105 -2.33 27.02 -11.14
C ALA B 105 -2.38 25.50 -11.20
N ARG B 106 -2.47 24.86 -10.04
CA ARG B 106 -2.66 23.43 -9.94
C ARG B 106 -4.05 23.05 -9.47
N LYS B 107 -4.94 24.01 -9.34
CA LYS B 107 -6.33 23.79 -8.95
C LYS B 107 -7.23 24.00 -10.15
N ASP B 108 -8.36 23.32 -10.16
CA ASP B 108 -9.31 23.49 -11.25
C ASP B 108 -9.75 24.95 -11.31
N PRO B 109 -9.63 25.61 -12.46
CA PRO B 109 -9.98 27.03 -12.54
C PRO B 109 -11.47 27.30 -12.39
N SER B 110 -12.30 26.26 -12.26
CA SER B 110 -13.73 26.46 -12.11
C SER B 110 -14.04 27.22 -10.83
N GLY B 111 -13.52 26.74 -9.70
CA GLY B 111 -13.83 27.35 -8.43
C GLY B 111 -13.27 28.74 -8.27
N LEU B 112 -12.07 28.97 -8.81
CA LEU B 112 -11.38 30.23 -8.58
C LEU B 112 -12.24 31.41 -9.01
N SER B 113 -12.27 32.43 -8.16
CA SER B 113 -13.10 33.62 -8.35
C SER B 113 -12.30 34.89 -8.14
N GLY B 114 -11.11 34.95 -8.73
CA GLY B 114 -10.28 36.13 -8.60
C GLY B 114 -9.21 36.18 -9.66
N ASP B 115 -8.42 37.24 -9.62
CA ASP B 115 -7.37 37.51 -10.60
C ASP B 115 -6.00 37.31 -9.96
N VAL B 116 -5.14 36.57 -10.65
CA VAL B 116 -3.76 36.37 -10.25
C VAL B 116 -2.88 36.93 -11.36
N LEU B 117 -1.91 37.76 -10.99
CA LEU B 117 -1.07 38.47 -11.94
C LEU B 117 0.39 38.37 -11.55
N ILE B 118 1.24 38.17 -12.54
CA ILE B 118 2.69 38.23 -12.38
C ILE B 118 3.18 39.52 -13.02
N ASN B 119 3.85 40.35 -12.22
CA ASN B 119 4.39 41.61 -12.71
C ASN B 119 3.32 42.45 -13.40
N GLY B 120 2.09 42.36 -12.88
CA GLY B 120 0.96 43.06 -13.46
C GLY B 120 0.31 42.36 -14.62
N ALA B 121 1.10 41.80 -15.52
CA ALA B 121 0.55 41.11 -16.67
C ALA B 121 -0.08 39.79 -16.23
N PRO B 122 -1.06 39.28 -16.98
CA PRO B 122 -1.68 38.00 -16.63
C PRO B 122 -0.67 36.86 -16.65
N ARG B 123 -1.15 35.70 -16.25
CA ARG B 123 -0.28 34.53 -16.15
C ARG B 123 0.22 34.14 -17.54
N PRO B 124 1.53 34.04 -17.73
CA PRO B 124 2.05 33.58 -19.02
C PRO B 124 1.83 32.08 -19.21
N ALA B 125 1.92 31.66 -20.48
CA ALA B 125 1.83 30.25 -20.79
C ALA B 125 3.09 29.48 -20.40
N ASN B 126 4.21 30.17 -20.19
CA ASN B 126 5.44 29.54 -19.72
C ASN B 126 5.53 29.52 -18.21
N PHE B 127 4.42 29.79 -17.51
CA PHE B 127 4.46 29.88 -16.06
C PHE B 127 5.02 28.61 -15.43
N LYS B 128 4.54 27.45 -15.89
CA LYS B 128 5.01 26.18 -15.37
C LYS B 128 6.36 25.79 -15.93
N CYS B 129 6.89 26.54 -16.89
CA CYS B 129 8.25 26.36 -17.38
C CYS B 129 9.24 27.24 -16.64
N ASN B 130 8.77 28.09 -15.73
CA ASN B 130 9.64 28.97 -14.96
C ASN B 130 9.23 29.00 -13.49
N SER B 131 8.63 27.92 -13.01
CA SER B 131 8.21 27.83 -11.62
C SER B 131 8.48 26.43 -11.11
N GLY B 132 8.47 26.30 -9.79
CA GLY B 132 8.66 25.01 -9.14
C GLY B 132 7.68 24.82 -8.01
N TYR B 133 7.22 23.59 -7.85
CA TYR B 133 6.27 23.23 -6.82
C TYR B 133 6.76 21.98 -6.10
N VAL B 134 6.82 22.05 -4.78
CA VAL B 134 7.25 20.94 -3.94
C VAL B 134 6.03 20.48 -3.15
N VAL B 135 5.78 19.17 -3.17
CA VAL B 135 4.51 18.68 -2.66
C VAL B 135 4.63 18.37 -1.16
N GLN B 136 3.48 18.48 -0.48
CA GLN B 136 3.43 18.18 0.94
C GLN B 136 3.77 16.72 1.22
N ASP B 137 3.24 15.81 0.40
CA ASP B 137 3.56 14.40 0.47
C ASP B 137 4.48 14.05 -0.69
N ASP B 138 5.64 13.50 -0.37
CA ASP B 138 6.68 13.32 -1.37
C ASP B 138 6.24 12.36 -2.46
N VAL B 139 6.64 12.67 -3.69
CA VAL B 139 6.40 11.81 -4.84
C VAL B 139 7.76 11.57 -5.48
N VAL B 140 8.42 10.50 -5.04
CA VAL B 140 9.77 10.17 -5.47
C VAL B 140 9.82 8.68 -5.76
N MET B 141 10.31 8.31 -6.94
CA MET B 141 10.32 6.91 -7.34
C MET B 141 11.29 6.14 -6.45
N GLY B 142 10.74 5.24 -5.65
CA GLY B 142 11.55 4.55 -4.65
C GLY B 142 12.63 3.69 -5.26
N THR B 143 12.34 3.06 -6.39
CA THR B 143 13.27 2.09 -6.98
C THR B 143 14.52 2.74 -7.54
N LEU B 144 14.57 4.06 -7.64
CA LEU B 144 15.74 4.77 -8.12
C LEU B 144 16.54 5.35 -6.96
N THR B 145 17.76 5.76 -7.27
CA THR B 145 18.59 6.44 -6.29
C THR B 145 18.21 7.91 -6.23
N VAL B 146 18.89 8.64 -5.34
CA VAL B 146 18.68 10.09 -5.25
C VAL B 146 19.14 10.76 -6.54
N ARG B 147 20.36 10.43 -6.98
CA ARG B 147 20.94 11.12 -8.13
C ARG B 147 20.13 10.85 -9.40
N GLU B 148 19.62 9.63 -9.55
CA GLU B 148 18.87 9.29 -10.75
C GLU B 148 17.60 10.13 -10.86
N ASN B 149 16.90 10.33 -9.74
CA ASN B 149 15.69 11.15 -9.78
C ASN B 149 16.00 12.58 -10.21
N LEU B 150 17.07 13.15 -9.65
CA LEU B 150 17.46 14.51 -10.03
C LEU B 150 17.86 14.56 -11.50
N GLN B 151 18.54 13.53 -11.98
CA GLN B 151 18.89 13.47 -13.40
C GLN B 151 17.64 13.50 -14.27
N PHE B 152 16.61 12.77 -13.87
CA PHE B 152 15.38 12.73 -14.64
C PHE B 152 14.73 14.11 -14.72
N SER B 153 14.66 14.82 -13.59
CA SER B 153 14.08 16.15 -13.59
C SER B 153 14.90 17.10 -14.46
N ALA B 154 16.23 17.04 -14.34
CA ALA B 154 17.08 17.93 -15.11
C ALA B 154 16.92 17.67 -16.60
N ALA B 155 16.88 16.41 -17.00
CA ALA B 155 16.89 16.07 -18.41
C ALA B 155 15.66 16.60 -19.13
N LEU B 156 14.49 16.47 -18.50
CA LEU B 156 13.23 16.79 -19.16
C LEU B 156 12.77 18.22 -18.94
N ARG B 157 13.37 18.95 -18.00
CA ARG B 157 12.97 20.32 -17.72
C ARG B 157 14.01 21.34 -18.13
N LEU B 158 15.27 21.13 -17.75
CA LEU B 158 16.34 21.96 -18.29
C LEU B 158 16.51 21.69 -19.78
N ALA B 159 16.77 22.75 -20.54
CA ALA B 159 16.84 22.63 -21.98
C ALA B 159 18.00 21.73 -22.39
N THR B 160 17.85 21.10 -23.55
CA THR B 160 18.86 20.18 -24.06
C THR B 160 20.10 20.91 -24.57
N THR B 161 20.05 22.23 -24.71
CA THR B 161 21.21 22.97 -25.18
C THR B 161 22.40 22.77 -24.26
N MET B 162 22.14 22.59 -22.97
CA MET B 162 23.22 22.35 -22.02
C MET B 162 23.83 20.97 -22.21
N THR B 163 25.12 20.86 -21.93
CA THR B 163 25.80 19.59 -21.98
C THR B 163 25.42 18.73 -20.79
N ASN B 164 25.48 17.41 -20.99
CA ASN B 164 25.13 16.49 -19.92
C ASN B 164 26.10 16.60 -18.75
N HIS B 165 27.37 16.88 -19.03
CA HIS B 165 28.34 17.07 -17.96
C HIS B 165 27.99 18.29 -17.12
N GLU B 166 27.55 19.38 -17.77
CA GLU B 166 27.15 20.57 -17.04
C GLU B 166 25.99 20.26 -16.10
N LYS B 167 25.01 19.52 -16.58
CA LYS B 167 23.87 19.18 -15.74
C LYS B 167 24.29 18.38 -14.51
N ASN B 168 25.19 17.42 -14.70
CA ASN B 168 25.65 16.62 -13.57
C ASN B 168 26.42 17.48 -12.57
N GLU B 169 27.13 18.50 -13.06
CA GLU B 169 27.79 19.43 -12.15
C GLU B 169 26.78 20.19 -11.32
N ARG B 170 25.71 20.67 -11.95
CA ARG B 170 24.65 21.33 -11.20
C ARG B 170 24.06 20.39 -10.17
N ILE B 171 23.83 19.13 -10.56
CA ILE B 171 23.22 18.16 -9.66
C ILE B 171 24.10 17.95 -8.44
N ASN B 172 25.41 17.85 -8.64
CA ASN B 172 26.31 17.66 -7.51
C ASN B 172 26.24 18.84 -6.57
N ARG B 173 26.17 20.06 -7.10
CA ARG B 173 26.14 21.25 -6.25
C ARG B 173 24.88 21.25 -5.39
N VAL B 174 23.73 20.89 -5.98
CA VAL B 174 22.48 20.86 -5.22
C VAL B 174 22.58 19.85 -4.07
N ILE B 175 23.14 18.68 -4.36
CA ILE B 175 23.23 17.63 -3.35
C ILE B 175 24.09 18.09 -2.18
N GLN B 176 25.21 18.74 -2.47
CA GLN B 176 26.06 19.24 -1.40
C GLN B 176 25.34 20.27 -0.54
N GLU B 177 24.56 21.14 -1.18
CA GLU B 177 23.86 22.19 -0.43
C GLU B 177 22.83 21.61 0.52
N LEU B 178 22.12 20.56 0.08
CA LEU B 178 21.07 19.95 0.89
C LEU B 178 21.59 18.87 1.84
N GLY B 179 22.89 18.57 1.80
CA GLY B 179 23.44 17.58 2.70
C GLY B 179 22.98 16.17 2.42
N LEU B 180 22.87 15.80 1.15
CA LEU B 180 22.47 14.47 0.74
C LEU B 180 23.64 13.65 0.21
N ASP B 181 24.88 14.11 0.42
CA ASP B 181 26.03 13.48 -0.20
C ASP B 181 26.16 12.02 0.22
N LYS B 182 25.96 11.73 1.50
CA LYS B 182 26.14 10.37 1.99
C LYS B 182 25.16 9.41 1.32
N VAL B 183 23.96 9.89 0.99
CA VAL B 183 22.95 9.06 0.37
C VAL B 183 22.70 9.48 -1.07
N ALA B 184 23.71 10.05 -1.74
CA ALA B 184 23.52 10.54 -3.10
C ALA B 184 23.18 9.40 -4.06
N ASP B 185 23.85 8.26 -3.91
CA ASP B 185 23.68 7.13 -4.81
C ASP B 185 22.92 5.98 -4.18
N SER B 186 22.42 6.15 -2.95
CA SER B 186 21.62 5.14 -2.31
C SER B 186 20.19 5.14 -2.87
N LYS B 187 19.51 4.01 -2.73
CA LYS B 187 18.15 3.90 -3.22
C LYS B 187 17.16 4.50 -2.22
N VAL B 188 16.12 5.12 -2.76
CA VAL B 188 15.01 5.59 -1.95
C VAL B 188 14.19 4.37 -1.56
N GLY B 189 13.31 4.53 -0.56
CA GLY B 189 12.68 3.38 0.03
C GLY B 189 11.87 2.57 -0.97
N THR B 190 11.98 1.25 -0.86
CA THR B 190 11.11 0.33 -1.57
C THR B 190 10.63 -0.72 -0.57
N GLN B 191 9.53 -1.38 -0.91
CA GLN B 191 8.97 -2.40 -0.03
C GLN B 191 9.98 -3.50 0.24
N PHE B 192 10.69 -3.95 -0.80
CA PHE B 192 11.71 -4.96 -0.61
C PHE B 192 12.99 -4.37 -0.03
N ILE B 193 13.38 -3.18 -0.50
CA ILE B 193 14.65 -2.56 -0.12
C ILE B 193 14.36 -1.46 0.88
N ARG B 194 14.82 -1.65 2.11
CA ARG B 194 14.82 -0.57 3.08
C ARG B 194 15.67 0.59 2.56
N GLY B 195 15.15 1.80 2.71
CA GLY B 195 15.79 2.94 2.09
C GLY B 195 15.99 4.14 3.00
N VAL B 196 16.28 5.29 2.39
CA VAL B 196 16.62 6.48 3.15
C VAL B 196 15.44 6.91 4.01
N SER B 197 15.73 7.72 5.02
CA SER B 197 14.72 8.20 5.94
C SER B 197 13.77 9.19 5.26
N GLY B 198 12.69 9.50 5.95
CA GLY B 198 11.73 10.46 5.42
C GLY B 198 12.33 11.83 5.19
N GLY B 199 13.29 12.22 6.03
CA GLY B 199 13.91 13.52 5.86
C GLY B 199 14.72 13.62 4.59
N GLU B 200 15.51 12.59 4.29
CA GLU B 200 16.31 12.59 3.07
C GLU B 200 15.43 12.55 1.84
N ARG B 201 14.32 11.80 1.90
CA ARG B 201 13.37 11.80 0.80
C ARG B 201 12.77 13.18 0.60
N LYS B 202 12.44 13.87 1.70
CA LYS B 202 11.85 15.20 1.58
C LYS B 202 12.80 16.16 0.91
N ARG B 203 14.07 16.16 1.33
CA ARG B 203 15.05 17.06 0.72
C ARG B 203 15.27 16.73 -0.74
N THR B 204 15.13 15.45 -1.10
CA THR B 204 15.29 15.06 -2.51
C THR B 204 14.23 15.72 -3.38
N SER B 205 12.98 15.76 -2.91
CA SER B 205 11.93 16.43 -3.66
C SER B 205 12.26 17.91 -3.84
N ILE B 206 12.82 18.52 -2.80
CA ILE B 206 13.24 19.91 -2.91
C ILE B 206 14.32 20.06 -3.98
N GLY B 207 15.24 19.11 -4.03
CA GLY B 207 16.33 19.20 -4.99
C GLY B 207 15.85 19.22 -6.43
N MET B 208 14.91 18.34 -6.76
CA MET B 208 14.47 18.23 -8.15
C MET B 208 13.93 19.56 -8.66
N GLU B 209 13.26 20.32 -7.81
CA GLU B 209 12.73 21.61 -8.22
C GLU B 209 13.83 22.67 -8.31
N LEU B 210 14.81 22.61 -7.41
CA LEU B 210 15.87 23.60 -7.41
C LEU B 210 16.73 23.51 -8.66
N ILE B 211 16.89 22.31 -9.22
CA ILE B 211 17.80 22.12 -10.35
C ILE B 211 17.37 22.97 -11.53
N THR B 212 16.06 23.17 -11.70
CA THR B 212 15.56 23.95 -12.83
C THR B 212 15.99 25.41 -12.77
N ASP B 213 16.51 25.88 -11.63
CA ASP B 213 16.90 27.27 -11.47
C ASP B 213 15.71 28.16 -11.76
N PRO B 214 14.65 28.06 -10.96
CA PRO B 214 13.42 28.80 -11.27
C PRO B 214 13.46 30.23 -10.75
N SER B 215 12.71 31.10 -11.43
CA SER B 215 12.55 32.46 -10.95
C SER B 215 11.46 32.56 -9.89
N ILE B 216 10.65 31.52 -9.73
CA ILE B 216 9.59 31.47 -8.73
C ILE B 216 9.52 30.04 -8.20
N LEU B 217 9.41 29.91 -6.88
CA LEU B 217 9.44 28.60 -6.24
C LEU B 217 8.35 28.53 -5.17
N PHE B 218 7.55 27.48 -5.23
CA PHE B 218 6.51 27.21 -4.25
C PHE B 218 6.88 25.95 -3.48
N LEU B 219 6.80 26.02 -2.17
CA LEU B 219 7.07 24.88 -1.30
C LEU B 219 5.92 24.71 -0.32
N ASP B 220 5.63 23.46 0.03
CA ASP B 220 4.59 23.15 1.01
C ASP B 220 5.21 22.31 2.11
N GLU B 221 5.25 22.87 3.32
CA GLU B 221 5.84 22.22 4.48
C GLU B 221 7.21 21.63 4.14
N PRO B 222 8.18 22.45 3.76
CA PRO B 222 9.52 21.93 3.46
C PRO B 222 10.19 21.31 4.67
N THR B 223 9.80 21.71 5.87
CA THR B 223 10.40 21.24 7.11
C THR B 223 9.36 20.40 7.87
N THR B 224 9.29 19.12 7.52
CA THR B 224 8.45 18.15 8.20
C THR B 224 9.17 16.81 8.19
N GLY B 225 9.41 16.27 9.37
CA GLY B 225 10.28 15.12 9.50
C GLY B 225 11.75 15.47 9.60
N LEU B 226 12.08 16.74 9.82
CA LEU B 226 13.45 17.21 9.87
C LEU B 226 13.71 17.84 11.23
N ASP B 227 14.88 17.53 11.80
CA ASP B 227 15.29 18.16 13.04
C ASP B 227 15.71 19.60 12.79
N SER B 228 15.80 20.37 13.87
CA SER B 228 16.05 21.81 13.76
C SER B 228 17.27 22.11 12.91
N SER B 229 18.38 21.39 13.14
CA SER B 229 19.60 21.66 12.40
C SER B 229 19.38 21.55 10.90
N THR B 230 18.79 20.44 10.46
CA THR B 230 18.53 20.27 9.04
C THR B 230 17.54 21.32 8.54
N ALA B 231 16.51 21.62 9.33
CA ALA B 231 15.53 22.61 8.91
C ALA B 231 16.17 23.97 8.72
N ASN B 232 17.06 24.36 9.64
CA ASN B 232 17.72 25.65 9.52
C ASN B 232 18.57 25.72 8.26
N ALA B 233 19.28 24.63 7.95
CA ALA B 233 20.13 24.62 6.76
C ALA B 233 19.30 24.82 5.50
N VAL B 234 18.16 24.15 5.41
CA VAL B 234 17.29 24.30 4.25
C VAL B 234 16.81 25.74 4.12
N LEU B 235 16.34 26.32 5.23
CA LEU B 235 15.81 27.68 5.17
C LEU B 235 16.89 28.69 4.78
N LEU B 236 18.09 28.55 5.34
CA LEU B 236 19.17 29.46 4.99
C LEU B 236 19.49 29.38 3.50
N LEU B 237 19.45 28.17 2.93
CA LEU B 237 19.68 28.02 1.50
C LEU B 237 18.66 28.81 0.71
N LEU B 238 17.38 28.72 1.09
CA LEU B 238 16.35 29.47 0.38
C LEU B 238 16.57 30.97 0.54
N LYS B 239 16.96 31.41 1.74
CA LYS B 239 17.23 32.82 1.96
C LYS B 239 18.35 33.31 1.04
N ARG B 240 19.45 32.55 0.98
CA ARG B 240 20.52 32.89 0.05
C ARG B 240 20.00 32.88 -1.39
N MET B 241 19.13 31.91 -1.70
CA MET B 241 18.58 31.80 -3.05
C MET B 241 17.58 32.90 -3.35
N SER B 242 17.14 33.65 -2.34
CA SER B 242 16.14 34.70 -2.53
C SER B 242 16.72 36.10 -2.60
N LYS B 243 18.01 36.27 -2.30
CA LYS B 243 18.67 37.56 -2.40
C LYS B 243 19.28 37.78 -3.78
N GLN B 244 18.75 37.11 -4.80
CA GLN B 244 19.20 37.26 -6.16
C GLN B 244 18.09 37.63 -7.13
N GLY B 245 16.85 37.77 -6.63
CA GLY B 245 15.72 38.13 -7.45
C GLY B 245 14.63 37.09 -7.50
N ARG B 246 14.89 35.87 -7.06
CA ARG B 246 13.87 34.84 -7.03
C ARG B 246 12.81 35.17 -5.98
N THR B 247 11.59 34.69 -6.25
CA THR B 247 10.48 34.84 -5.32
C THR B 247 10.15 33.46 -4.77
N ILE B 248 10.14 33.35 -3.45
CA ILE B 248 9.97 32.06 -2.77
C ILE B 248 8.75 32.17 -1.85
N ILE B 249 7.82 31.23 -2.01
CA ILE B 249 6.61 31.16 -1.21
C ILE B 249 6.54 29.76 -0.61
N PHE B 250 6.33 29.68 0.71
CA PHE B 250 6.33 28.38 1.35
C PHE B 250 5.46 28.42 2.60
N SER B 251 4.99 27.25 2.99
CA SER B 251 4.19 27.05 4.20
C SER B 251 5.01 26.23 5.19
N ILE B 252 4.99 26.65 6.46
CA ILE B 252 5.88 26.11 7.47
C ILE B 252 5.13 25.94 8.78
N HIS B 253 5.60 25.00 9.59
CA HIS B 253 5.04 24.73 10.92
C HIS B 253 6.14 24.88 11.96
N GLN B 254 5.87 25.67 12.99
CA GLN B 254 6.75 25.83 14.13
C GLN B 254 8.15 26.31 13.73
N PRO B 255 8.28 27.54 13.26
CA PRO B 255 9.62 28.10 13.01
C PRO B 255 10.31 28.47 14.32
N ARG B 256 11.62 28.63 14.23
CA ARG B 256 12.39 29.20 15.32
C ARG B 256 12.49 30.70 15.14
N TYR B 257 12.88 31.40 16.21
CA TYR B 257 12.93 32.85 16.15
C TYR B 257 13.95 33.31 15.13
N SER B 258 15.10 32.62 15.04
CA SER B 258 16.10 32.97 14.05
C SER B 258 15.51 32.89 12.64
N ILE B 259 14.78 31.82 12.36
CA ILE B 259 14.15 31.65 11.05
C ILE B 259 13.14 32.76 10.81
N PHE B 260 12.28 33.02 11.79
CA PHE B 260 11.18 33.95 11.60
C PHE B 260 11.69 35.35 11.24
N LYS B 261 12.88 35.70 11.73
CA LYS B 261 13.45 37.00 11.38
C LYS B 261 13.79 37.06 9.90
N LEU B 262 14.09 35.90 9.30
CA LEU B 262 14.45 35.87 7.89
C LEU B 262 13.26 36.23 7.00
N PHE B 263 12.06 35.87 7.43
CA PHE B 263 10.88 36.14 6.62
C PHE B 263 10.78 37.62 6.30
N ASP B 264 10.54 37.93 5.04
CA ASP B 264 10.40 39.32 4.59
C ASP B 264 8.93 39.70 4.59
N SER B 265 8.11 38.88 3.94
CA SER B 265 6.67 39.07 3.91
C SER B 265 5.98 37.88 4.57
N LEU B 266 4.86 38.14 5.20
CA LEU B 266 4.16 37.14 6.00
C LEU B 266 2.71 37.05 5.57
N THR B 267 2.16 35.84 5.64
CA THR B 267 0.77 35.58 5.40
C THR B 267 0.27 34.60 6.45
N LEU B 268 -0.91 34.85 6.99
CA LEU B 268 -1.43 34.11 8.13
C LEU B 268 -2.85 33.66 7.83
N LEU B 269 -2.99 32.40 7.41
CA LEU B 269 -4.29 31.84 7.10
C LEU B 269 -4.90 31.18 8.33
N ALA B 270 -6.23 31.14 8.35
CA ALA B 270 -6.96 30.46 9.41
C ALA B 270 -8.38 30.21 8.93
N SER B 271 -8.79 28.95 8.92
CA SER B 271 -10.15 28.55 8.54
C SER B 271 -10.60 29.29 7.28
N GLY B 272 -9.71 29.36 6.30
CA GLY B 272 -10.02 30.06 5.06
C GLY B 272 -9.76 31.54 5.08
N ARG B 273 -10.07 32.21 6.20
CA ARG B 273 -9.94 33.65 6.27
C ARG B 273 -8.48 34.07 6.33
N LEU B 274 -8.22 35.31 5.96
CA LEU B 274 -6.89 35.91 6.05
C LEU B 274 -6.87 36.79 7.29
N MET B 275 -6.05 36.40 8.27
CA MET B 275 -5.99 37.16 9.51
C MET B 275 -4.97 38.29 9.42
N PHE B 276 -3.86 38.06 8.73
CA PHE B 276 -2.82 39.07 8.60
C PHE B 276 -1.96 38.78 7.40
N HIS B 277 -1.72 39.81 6.59
CA HIS B 277 -0.71 39.78 5.54
C HIS B 277 0.06 41.09 5.58
N GLY B 278 1.39 40.99 5.55
CA GLY B 278 2.24 42.14 5.58
C GLY B 278 3.65 41.78 5.95
N PRO B 279 4.49 42.78 6.19
CA PRO B 279 5.86 42.51 6.61
C PRO B 279 5.87 41.72 7.91
N ALA B 280 6.80 40.76 8.00
CA ALA B 280 6.85 39.89 9.17
C ALA B 280 7.20 40.67 10.43
N GLN B 281 8.15 41.60 10.33
CA GLN B 281 8.63 42.29 11.52
C GLN B 281 7.52 43.10 12.18
N GLU B 282 6.60 43.63 11.38
CA GLU B 282 5.52 44.45 11.90
C GLU B 282 4.34 43.64 12.39
N ALA B 283 4.37 42.31 12.24
CA ALA B 283 3.23 41.49 12.66
C ALA B 283 2.99 41.62 14.16
N LEU B 284 4.07 41.59 14.96
CA LEU B 284 3.92 41.69 16.40
C LEU B 284 3.22 42.99 16.79
N GLY B 285 3.62 44.10 16.16
CA GLY B 285 3.00 45.37 16.48
C GLY B 285 1.51 45.39 16.18
N TYR B 286 1.11 44.78 15.06
CA TYR B 286 -0.30 44.79 14.69
C TYR B 286 -1.15 44.10 15.76
N PHE B 287 -0.71 42.91 16.18
CA PHE B 287 -1.46 42.20 17.22
C PHE B 287 -1.43 42.95 18.54
N GLU B 288 -0.28 43.53 18.88
CA GLU B 288 -0.16 44.24 20.16
C GLU B 288 -1.18 45.37 20.25
N SER B 289 -1.49 46.02 19.13
CA SER B 289 -2.44 47.12 19.14
C SER B 289 -3.83 46.64 19.55
N ALA B 290 -4.28 45.51 19.00
CA ALA B 290 -5.58 44.97 19.36
C ALA B 290 -5.60 44.41 20.78
N GLY B 291 -4.44 44.32 21.42
CA GLY B 291 -4.30 43.59 22.67
C GLY B 291 -3.16 42.62 22.52
N TYR B 292 -3.21 41.49 23.21
CA TYR B 292 -2.23 40.42 23.06
C TYR B 292 -0.81 40.99 23.03
N HIS B 293 -0.41 41.57 24.16
CA HIS B 293 0.98 41.95 24.36
C HIS B 293 1.73 40.69 24.79
N CYS B 294 2.75 40.31 24.02
CA CYS B 294 3.30 38.98 24.22
C CYS B 294 3.91 38.82 25.60
N GLU B 295 5.11 39.36 25.79
CA GLU B 295 5.76 39.45 27.10
C GLU B 295 5.74 38.10 27.83
N ALA B 296 5.40 37.03 27.12
CA ALA B 296 5.39 35.70 27.70
C ALA B 296 6.19 34.73 26.85
N TYR B 297 5.92 34.73 25.54
CA TYR B 297 6.48 33.74 24.66
C TYR B 297 7.82 34.21 24.11
N ASN B 298 8.80 33.32 24.11
CA ASN B 298 10.08 33.63 23.50
C ASN B 298 9.98 33.59 21.98
N ASN B 299 9.26 32.60 21.44
CA ASN B 299 9.12 32.45 20.00
C ASN B 299 7.82 33.09 19.54
N PRO B 300 7.87 34.15 18.71
CA PRO B 300 6.62 34.79 18.28
C PRO B 300 5.68 33.88 17.53
N ALA B 301 6.19 32.94 16.74
CA ALA B 301 5.32 32.11 15.92
C ALA B 301 4.26 31.41 16.78
N ASP B 302 4.64 31.01 17.99
CA ASP B 302 3.66 30.43 18.90
C ASP B 302 2.63 31.47 19.32
N PHE B 303 3.06 32.71 19.47
CA PHE B 303 2.17 33.77 19.93
C PHE B 303 1.02 33.99 18.96
N PHE B 304 1.31 33.90 17.65
CA PHE B 304 0.25 34.04 16.67
C PHE B 304 -0.73 32.88 16.73
N LEU B 305 -0.23 31.65 16.74
CA LEU B 305 -1.11 30.49 16.67
C LEU B 305 -1.96 30.36 17.93
N ASP B 306 -1.41 30.71 19.09
CA ASP B 306 -2.20 30.65 20.32
C ASP B 306 -3.40 31.59 20.24
N ILE B 307 -3.20 32.80 19.69
CA ILE B 307 -4.29 33.74 19.53
C ILE B 307 -5.40 33.11 18.69
N ILE B 308 -5.04 32.53 17.55
CA ILE B 308 -6.03 31.96 16.65
C ILE B 308 -6.82 30.87 17.37
N ASN B 309 -6.17 30.13 18.25
CA ASN B 309 -6.82 29.05 18.99
C ASN B 309 -7.39 29.52 20.32
N GLY B 310 -7.43 30.83 20.56
CA GLY B 310 -8.08 31.38 21.73
C GLY B 310 -7.48 30.93 23.04
N ASP B 311 -6.15 31.00 23.15
CA ASP B 311 -5.45 30.62 24.37
C ASP B 311 -4.64 31.77 24.97
N SER B 312 -4.97 33.01 24.63
CA SER B 312 -4.24 34.16 25.15
C SER B 312 -5.22 35.28 25.49
N THR B 313 -4.72 36.22 26.30
CA THR B 313 -5.54 37.34 26.76
C THR B 313 -5.64 38.41 25.68
N ALA B 314 -6.78 39.09 25.67
CA ALA B 314 -6.99 40.20 24.75
C ALA B 314 -6.15 41.40 25.16
N LYS B 336 -18.59 36.46 15.10
CA LYS B 336 -18.64 36.18 16.53
C LYS B 336 -17.45 35.34 17.00
N PRO B 337 -17.13 34.26 16.31
CA PRO B 337 -16.00 33.44 16.74
C PRO B 337 -14.69 34.21 16.61
N LEU B 338 -13.68 33.73 17.33
CA LEU B 338 -12.41 34.44 17.36
C LEU B 338 -11.81 34.57 15.98
N ILE B 339 -12.13 33.63 15.09
CA ILE B 339 -11.63 33.70 13.72
C ILE B 339 -12.25 34.90 13.00
N GLU B 340 -13.57 34.95 12.93
CA GLU B 340 -14.24 36.07 12.27
C GLU B 340 -13.88 37.38 12.96
N LYS B 341 -13.80 37.37 14.29
CA LYS B 341 -13.49 38.59 15.03
C LYS B 341 -12.14 39.14 14.63
N LEU B 342 -11.13 38.28 14.50
CA LEU B 342 -9.79 38.73 14.15
C LEU B 342 -9.75 39.26 12.72
N ALA B 343 -10.42 38.58 11.80
CA ALA B 343 -10.38 39.00 10.40
C ALA B 343 -10.95 40.40 10.23
N GLU B 344 -12.06 40.69 10.92
CA GLU B 344 -12.65 42.02 10.83
C GLU B 344 -11.64 43.09 11.20
N ILE B 345 -10.71 42.78 12.10
CA ILE B 345 -9.72 43.75 12.52
C ILE B 345 -8.76 44.05 11.38
N TYR B 346 -8.40 43.03 10.60
CA TYR B 346 -7.40 43.21 9.55
C TYR B 346 -7.90 44.18 8.48
N VAL B 347 -9.12 43.98 7.99
CA VAL B 347 -9.65 44.83 6.94
C VAL B 347 -9.68 46.29 7.36
N ASN B 348 -9.74 46.56 8.66
CA ASN B 348 -9.71 47.92 9.17
C ASN B 348 -8.30 48.42 9.44
N SER B 349 -7.30 47.57 9.22
CA SER B 349 -5.92 47.95 9.47
C SER B 349 -5.34 48.75 8.30
N SER B 350 -4.25 49.46 8.57
CA SER B 350 -3.55 50.16 7.52
C SER B 350 -2.99 49.20 6.49
N PHE B 351 -2.60 47.99 6.93
CA PHE B 351 -2.00 47.03 6.02
C PHE B 351 -2.97 46.66 4.89
N TYR B 352 -4.23 46.43 5.23
CA TYR B 352 -5.22 46.10 4.21
C TYR B 352 -5.42 47.28 3.26
N LYS B 353 -5.40 48.50 3.79
CA LYS B 353 -5.56 49.67 2.94
C LYS B 353 -4.42 49.79 1.93
N GLU B 354 -3.18 49.58 2.38
CA GLU B 354 -2.05 49.73 1.48
C GLU B 354 -2.12 48.73 0.33
N THR B 355 -2.38 47.46 0.62
CA THR B 355 -2.39 46.46 -0.43
C THR B 355 -3.55 46.67 -1.39
N LYS B 356 -4.71 47.08 -0.87
CA LYS B 356 -5.83 47.41 -1.75
C LYS B 356 -5.46 48.52 -2.71
N ALA B 357 -4.74 49.53 -2.24
CA ALA B 357 -4.30 50.60 -3.11
C ALA B 357 -3.38 50.09 -4.20
N GLU B 358 -2.43 49.21 -3.83
CA GLU B 358 -1.50 48.69 -4.82
C GLU B 358 -2.18 47.71 -5.78
N LEU B 359 -3.02 46.82 -5.25
CA LEU B 359 -3.68 45.84 -6.10
C LEU B 359 -4.61 46.51 -7.10
N HIS B 360 -5.44 47.45 -6.64
CA HIS B 360 -6.29 48.18 -7.57
C HIS B 360 -5.46 48.96 -8.57
N GLN B 361 -4.32 49.50 -8.13
CA GLN B 361 -3.46 50.24 -9.04
C GLN B 361 -2.91 49.35 -10.15
N LEU B 362 -2.52 48.11 -9.80
CA LEU B 362 -1.90 47.23 -10.79
C LEU B 362 -2.89 46.87 -11.89
N SER B 363 -4.16 46.69 -11.56
CA SER B 363 -5.18 46.32 -12.53
C SER B 363 -5.11 47.20 -13.77
N SER B 378 3.68 25.03 -23.62
CA SER B 378 5.00 24.88 -24.23
C SER B 378 5.88 23.94 -23.42
N TYR B 379 6.69 23.15 -24.11
CA TYR B 379 7.58 22.19 -23.48
C TYR B 379 9.02 22.47 -23.91
N THR B 380 9.94 22.39 -22.96
CA THR B 380 11.33 22.74 -23.23
C THR B 380 11.94 21.80 -24.26
N THR B 381 11.71 20.50 -24.12
CA THR B 381 12.35 19.49 -24.93
C THR B 381 11.31 18.75 -25.76
N SER B 382 11.76 18.19 -26.87
CA SER B 382 10.85 17.63 -27.87
C SER B 382 10.34 16.25 -27.48
N PHE B 383 9.63 15.61 -28.40
CA PHE B 383 8.94 14.34 -28.19
C PHE B 383 9.91 13.18 -27.94
N CYS B 384 10.93 13.05 -28.80
CA CYS B 384 11.80 11.88 -28.74
C CYS B 384 12.55 11.81 -27.42
N HIS B 385 13.05 12.97 -26.95
CA HIS B 385 13.80 12.98 -25.70
C HIS B 385 12.93 12.53 -24.54
N GLN B 386 11.70 13.02 -24.47
CA GLN B 386 10.77 12.59 -23.43
C GLN B 386 10.53 11.09 -23.52
N LEU B 387 10.33 10.59 -24.73
CA LEU B 387 10.09 9.15 -24.89
C LEU B 387 11.26 8.33 -24.36
N ARG B 388 12.48 8.72 -24.72
CA ARG B 388 13.64 7.97 -24.30
C ARG B 388 13.77 7.95 -22.78
N TRP B 389 13.60 9.11 -22.14
CA TRP B 389 13.82 9.17 -20.70
C TRP B 389 12.72 8.46 -19.93
N VAL B 390 11.47 8.57 -20.38
CA VAL B 390 10.39 7.86 -19.72
C VAL B 390 10.60 6.36 -19.82
N SER B 391 10.94 5.87 -21.02
CA SER B 391 11.16 4.44 -21.18
C SER B 391 12.32 3.97 -20.31
N LYS B 392 13.36 4.79 -20.18
CA LYS B 392 14.49 4.41 -19.33
C LYS B 392 14.07 4.27 -17.88
N ARG B 393 13.36 5.26 -17.34
CA ARG B 393 12.90 5.17 -15.96
C ARG B 393 11.99 3.96 -15.76
N SER B 394 11.16 3.66 -16.76
CA SER B 394 10.28 2.51 -16.65
C SER B 394 11.07 1.21 -16.63
N PHE B 395 12.10 1.10 -17.47
CA PHE B 395 12.98 -0.06 -17.39
C PHE B 395 13.48 -0.25 -15.96
N LYS B 396 14.02 0.82 -15.37
CA LYS B 396 14.60 0.68 -14.04
C LYS B 396 13.55 0.33 -13.00
N ASN B 397 12.38 0.97 -13.07
CA ASN B 397 11.32 0.67 -12.12
C ASN B 397 10.88 -0.78 -12.23
N LEU B 398 10.78 -1.28 -13.46
CA LEU B 398 10.37 -2.67 -13.67
C LEU B 398 11.38 -3.63 -13.07
N LEU B 399 12.67 -3.39 -13.32
CA LEU B 399 13.69 -4.26 -12.76
C LEU B 399 13.74 -4.15 -11.24
N GLY B 400 13.36 -3.01 -10.69
CA GLY B 400 13.40 -2.84 -9.25
C GLY B 400 12.27 -3.56 -8.54
N ASN B 401 11.17 -3.81 -9.24
CA ASN B 401 10.07 -4.58 -8.69
C ASN B 401 10.17 -6.01 -9.20
N PRO B 402 10.85 -6.89 -8.47
CA PRO B 402 11.13 -8.22 -9.02
C PRO B 402 9.90 -9.04 -9.33
N GLN B 403 8.82 -8.86 -8.57
CA GLN B 403 7.69 -9.79 -8.68
C GLN B 403 7.06 -9.76 -10.06
N ALA B 404 7.30 -8.70 -10.82
CA ALA B 404 6.63 -8.51 -12.11
C ALA B 404 7.48 -8.93 -13.30
N SER B 405 8.81 -8.95 -13.17
CA SER B 405 9.65 -9.32 -14.29
C SER B 405 10.40 -10.62 -14.05
N ILE B 406 11.22 -10.63 -13.00
CA ILE B 406 12.06 -11.80 -12.74
C ILE B 406 11.19 -12.98 -12.35
N ALA B 407 10.23 -12.75 -11.46
CA ALA B 407 9.38 -13.84 -11.01
C ALA B 407 8.54 -14.41 -12.14
N GLN B 408 7.98 -13.54 -12.99
CA GLN B 408 7.20 -14.02 -14.11
C GLN B 408 8.04 -14.85 -15.08
N ILE B 409 9.25 -14.42 -15.39
CA ILE B 409 10.12 -15.24 -16.24
C ILE B 409 10.45 -16.58 -15.59
N ILE B 410 10.78 -16.59 -14.30
CA ILE B 410 11.15 -17.83 -13.64
C ILE B 410 9.98 -18.80 -13.62
N VAL B 411 8.80 -18.33 -13.25
CA VAL B 411 7.63 -19.21 -13.22
C VAL B 411 7.29 -19.68 -14.62
N THR B 412 7.50 -18.82 -15.62
CA THR B 412 7.32 -19.23 -17.01
C THR B 412 8.18 -20.45 -17.33
N VAL B 413 9.47 -20.38 -16.98
CA VAL B 413 10.36 -21.49 -17.28
C VAL B 413 9.94 -22.73 -16.51
N VAL B 414 9.63 -22.58 -15.23
CA VAL B 414 9.27 -23.74 -14.41
C VAL B 414 8.01 -24.39 -14.95
N LEU B 415 7.00 -23.59 -15.31
CA LEU B 415 5.78 -24.14 -15.89
C LEU B 415 6.07 -24.84 -17.20
N GLY B 416 6.92 -24.27 -18.03
CA GLY B 416 7.26 -24.92 -19.28
C GLY B 416 7.84 -26.30 -19.06
N LEU B 417 8.79 -26.40 -18.14
CA LEU B 417 9.42 -27.69 -17.87
C LEU B 417 8.43 -28.69 -17.30
N VAL B 418 7.63 -28.27 -16.32
CA VAL B 418 6.67 -29.18 -15.72
C VAL B 418 5.67 -29.66 -16.76
N ILE B 419 5.15 -28.75 -17.56
CA ILE B 419 4.22 -29.13 -18.62
C ILE B 419 4.88 -30.14 -19.56
N GLY B 420 6.12 -29.87 -19.96
CA GLY B 420 6.82 -30.81 -20.82
C GLY B 420 6.90 -32.18 -20.21
N ALA B 421 7.09 -32.25 -18.90
CA ALA B 421 7.16 -33.55 -18.23
C ALA B 421 5.80 -34.21 -18.14
N ILE B 422 4.75 -33.44 -17.85
CA ILE B 422 3.43 -34.01 -17.64
C ILE B 422 2.88 -34.58 -18.94
N TYR B 423 2.99 -33.83 -20.03
CA TYR B 423 2.40 -34.20 -21.31
C TYR B 423 3.40 -34.88 -22.23
N PHE B 424 4.55 -35.29 -21.71
CA PHE B 424 5.61 -35.81 -22.56
C PHE B 424 5.11 -36.98 -23.39
N GLY B 425 5.42 -36.95 -24.68
CA GLY B 425 5.06 -38.03 -25.57
C GLY B 425 3.58 -38.09 -25.87
N LEU B 426 3.04 -37.03 -26.45
CA LEU B 426 1.65 -37.05 -26.85
C LEU B 426 1.44 -38.11 -27.92
N LYS B 427 0.39 -38.91 -27.74
CA LYS B 427 0.13 -40.07 -28.58
C LYS B 427 -1.17 -39.88 -29.34
N ASN B 428 -1.20 -40.40 -30.57
CA ASN B 428 -2.39 -40.40 -31.38
C ASN B 428 -3.29 -41.55 -30.92
N ASP B 429 -3.79 -41.41 -29.70
CA ASP B 429 -4.62 -42.41 -29.05
C ASP B 429 -5.92 -41.77 -28.60
N SER B 430 -6.72 -42.49 -27.81
CA SER B 430 -7.96 -41.94 -27.31
C SER B 430 -7.70 -40.70 -26.46
N THR B 431 -6.55 -40.64 -25.80
CA THR B 431 -6.24 -39.55 -24.88
C THR B 431 -5.57 -38.35 -25.55
N GLY B 432 -5.22 -38.45 -26.82
CA GLY B 432 -4.46 -37.37 -27.45
C GLY B 432 -5.25 -36.08 -27.55
N ILE B 433 -6.52 -36.19 -27.91
CA ILE B 433 -7.36 -35.01 -28.09
C ILE B 433 -7.45 -34.23 -26.79
N GLN B 434 -7.72 -34.94 -25.70
CA GLN B 434 -7.92 -34.32 -24.40
C GLN B 434 -6.68 -33.58 -23.94
N ASN B 435 -5.52 -34.25 -23.99
CA ASN B 435 -4.28 -33.63 -23.55
C ASN B 435 -3.91 -32.43 -24.42
N ARG B 436 -4.06 -32.56 -25.74
CA ARG B 436 -3.73 -31.45 -26.63
C ARG B 436 -4.58 -30.23 -26.31
N ALA B 437 -5.90 -30.41 -26.25
CA ALA B 437 -6.77 -29.29 -25.95
C ALA B 437 -6.45 -28.68 -24.60
N GLY B 438 -6.18 -29.53 -23.60
CA GLY B 438 -5.90 -29.01 -22.27
C GLY B 438 -4.65 -28.15 -22.24
N VAL B 439 -3.57 -28.63 -22.86
CA VAL B 439 -2.33 -27.88 -22.80
C VAL B 439 -2.47 -26.55 -23.52
N LEU B 440 -3.12 -26.55 -24.69
CA LEU B 440 -3.29 -25.30 -25.41
C LEU B 440 -4.13 -24.31 -24.62
N PHE B 441 -5.20 -24.82 -23.98
CA PHE B 441 -6.01 -23.96 -23.13
C PHE B 441 -5.20 -23.38 -21.98
N PHE B 442 -4.35 -24.20 -21.37
CA PHE B 442 -3.55 -23.72 -20.25
C PHE B 442 -2.61 -22.60 -20.69
N LEU B 443 -1.92 -22.80 -21.81
CA LEU B 443 -1.00 -21.77 -22.29
C LEU B 443 -1.75 -20.48 -22.57
N THR B 444 -2.90 -20.57 -23.22
CA THR B 444 -3.66 -19.37 -23.55
C THR B 444 -4.07 -18.61 -22.30
N THR B 445 -4.68 -19.30 -21.33
CA THR B 445 -5.10 -18.63 -20.12
C THR B 445 -3.91 -18.07 -19.35
N ASN B 446 -2.78 -18.77 -19.38
CA ASN B 446 -1.59 -18.25 -18.70
C ASN B 446 -1.16 -16.93 -19.29
N GLN B 447 -1.17 -16.83 -20.62
CA GLN B 447 -0.83 -15.56 -21.26
C GLN B 447 -1.83 -14.47 -20.88
N CYS B 448 -3.11 -14.82 -20.81
CA CYS B 448 -4.12 -13.80 -20.54
C CYS B 448 -4.05 -13.30 -19.10
N PHE B 449 -3.90 -14.19 -18.13
CA PHE B 449 -3.95 -13.81 -16.73
C PHE B 449 -2.63 -13.23 -16.21
N SER B 450 -1.53 -13.41 -16.93
CA SER B 450 -0.27 -12.85 -16.48
C SER B 450 -0.19 -11.35 -16.69
N SER B 451 -1.10 -10.78 -17.47
CA SER B 451 -1.05 -9.36 -17.76
C SER B 451 -1.49 -8.51 -16.57
N VAL B 452 -2.22 -9.11 -15.63
CA VAL B 452 -2.73 -8.36 -14.49
C VAL B 452 -1.58 -7.76 -13.68
N SER B 453 -0.50 -8.52 -13.50
CA SER B 453 0.57 -8.09 -12.61
C SER B 453 1.23 -6.81 -13.10
N ALA B 454 1.48 -6.72 -14.41
CA ALA B 454 2.23 -5.59 -14.94
C ALA B 454 1.44 -4.28 -14.83
N VAL B 455 0.17 -4.30 -15.24
CA VAL B 455 -0.62 -3.08 -15.25
C VAL B 455 -0.74 -2.48 -13.86
N GLU B 456 -0.77 -3.33 -12.83
CA GLU B 456 -0.89 -2.81 -11.47
C GLU B 456 0.18 -1.78 -11.18
N LEU B 457 1.37 -1.95 -11.73
CA LEU B 457 2.39 -0.91 -11.62
C LEU B 457 1.97 0.36 -12.36
N PHE B 458 1.23 0.21 -13.45
CA PHE B 458 0.69 1.38 -14.14
C PHE B 458 -0.30 2.12 -13.26
N VAL B 459 -1.02 1.39 -12.41
CA VAL B 459 -2.02 2.01 -11.54
C VAL B 459 -1.34 2.83 -10.45
N VAL B 460 -0.35 2.24 -9.77
CA VAL B 460 0.22 2.88 -8.59
C VAL B 460 0.89 4.19 -8.95
N GLU B 461 1.30 4.37 -10.21
CA GLU B 461 2.04 5.55 -10.64
C GLU B 461 1.13 6.65 -11.17
N LYS B 462 -0.17 6.57 -10.94
CA LYS B 462 -1.07 7.62 -11.38
C LYS B 462 -0.72 8.95 -10.75
N LYS B 463 -0.49 8.95 -9.44
CA LYS B 463 -0.18 10.18 -8.71
C LYS B 463 1.04 10.87 -9.29
N LEU B 464 2.11 10.09 -9.51
CA LEU B 464 3.33 10.65 -10.05
C LEU B 464 3.11 11.21 -11.46
N PHE B 465 2.34 10.49 -12.28
CA PHE B 465 2.06 10.97 -13.63
C PHE B 465 1.36 12.32 -13.60
N ILE B 466 0.33 12.45 -12.75
CA ILE B 466 -0.40 13.71 -12.66
C ILE B 466 0.53 14.82 -12.22
N HIS B 467 1.33 14.56 -11.17
CA HIS B 467 2.21 15.60 -10.65
C HIS B 467 3.21 16.05 -11.70
N GLU B 468 3.78 15.10 -12.44
CA GLU B 468 4.80 15.45 -13.43
C GLU B 468 4.19 16.15 -14.64
N TYR B 469 3.01 15.73 -15.08
CA TYR B 469 2.37 16.42 -16.20
C TYR B 469 2.04 17.85 -15.84
N ILE B 470 1.49 18.06 -14.64
CA ILE B 470 1.17 19.41 -14.20
C ILE B 470 2.43 20.25 -14.12
N SER B 471 3.50 19.68 -13.56
CA SER B 471 4.75 20.44 -13.44
C SER B 471 5.37 20.77 -14.78
N GLY B 472 4.91 20.13 -15.86
CA GLY B 472 5.39 20.44 -17.19
C GLY B 472 6.51 19.56 -17.71
N TYR B 473 6.73 18.38 -17.11
CA TYR B 473 7.80 17.51 -17.58
C TYR B 473 7.57 17.09 -19.02
N TYR B 474 6.50 16.33 -19.26
CA TYR B 474 6.31 15.64 -20.53
C TYR B 474 4.84 15.72 -20.95
N ARG B 475 4.59 15.31 -22.18
CA ARG B 475 3.23 15.18 -22.69
C ARG B 475 2.62 13.86 -22.24
N VAL B 476 1.33 13.69 -22.55
CA VAL B 476 0.67 12.41 -22.29
C VAL B 476 1.17 11.36 -23.26
N SER B 477 1.26 11.72 -24.54
CA SER B 477 1.66 10.76 -25.56
C SER B 477 3.01 10.13 -25.24
N SER B 478 3.97 10.94 -24.83
CA SER B 478 5.30 10.41 -24.53
C SER B 478 5.25 9.43 -23.37
N TYR B 479 4.51 9.78 -22.32
CA TYR B 479 4.37 8.86 -21.19
C TYR B 479 3.78 7.54 -21.64
N PHE B 480 2.71 7.61 -22.43
CA PHE B 480 2.05 6.39 -22.88
C PHE B 480 3.01 5.51 -23.67
N LEU B 481 3.56 6.04 -24.76
CA LEU B 481 4.41 5.24 -25.62
C LEU B 481 5.65 4.75 -24.89
N GLY B 482 6.18 5.56 -23.96
CA GLY B 482 7.34 5.11 -23.22
C GLY B 482 7.04 3.92 -22.34
N LYS B 483 5.92 3.98 -21.60
CA LYS B 483 5.56 2.84 -20.77
C LYS B 483 5.31 1.60 -21.61
N LEU B 484 4.74 1.78 -22.80
CA LEU B 484 4.57 0.64 -23.70
C LEU B 484 5.92 0.05 -24.09
N LEU B 485 6.75 0.84 -24.77
CA LEU B 485 8.01 0.34 -25.29
C LEU B 485 9.00 -0.02 -24.20
N SER B 486 8.65 0.14 -22.93
CA SER B 486 9.56 -0.23 -21.85
C SER B 486 9.04 -1.41 -21.04
N ASP B 487 7.72 -1.50 -20.88
CA ASP B 487 7.11 -2.48 -20.01
C ASP B 487 6.29 -3.51 -20.78
N LEU B 488 5.32 -3.06 -21.58
CA LEU B 488 4.41 -3.98 -22.24
C LEU B 488 5.11 -4.77 -23.35
N LEU B 489 5.85 -4.07 -24.22
CA LEU B 489 6.37 -4.72 -25.41
C LEU B 489 7.48 -5.71 -25.10
N PRO B 490 8.53 -5.35 -24.35
CA PRO B 490 9.64 -6.28 -24.16
C PRO B 490 9.28 -7.51 -23.35
N MET B 491 8.62 -7.29 -22.22
CA MET B 491 8.43 -8.36 -21.25
C MET B 491 7.36 -9.35 -21.70
N ARG B 492 6.31 -8.86 -22.35
CA ARG B 492 5.21 -9.75 -22.73
C ARG B 492 5.57 -10.62 -23.92
N MET B 493 6.61 -10.25 -24.68
CA MET B 493 7.01 -11.05 -25.83
C MET B 493 7.72 -12.32 -25.40
N LEU B 494 8.60 -12.23 -24.40
CA LEU B 494 9.44 -13.36 -24.03
C LEU B 494 8.67 -14.60 -23.63
N PRO B 495 7.67 -14.53 -22.75
CA PRO B 495 7.01 -15.76 -22.29
C PRO B 495 6.51 -16.63 -23.42
N SER B 496 5.98 -16.02 -24.48
CA SER B 496 5.56 -16.80 -25.64
C SER B 496 6.72 -17.61 -26.20
N ILE B 497 7.87 -16.96 -26.42
CA ILE B 497 9.01 -17.64 -27.01
C ILE B 497 9.48 -18.77 -26.12
N ILE B 498 9.59 -18.49 -24.81
CA ILE B 498 10.06 -19.52 -23.88
C ILE B 498 9.13 -20.71 -23.90
N PHE B 499 7.82 -20.46 -23.82
CA PHE B 499 6.86 -21.55 -23.80
C PHE B 499 6.94 -22.38 -25.06
N THR B 500 6.94 -21.75 -26.23
CA THR B 500 7.01 -22.52 -27.46
C THR B 500 8.28 -23.35 -27.52
N CYS B 501 9.43 -22.72 -27.31
CA CYS B 501 10.70 -23.42 -27.46
C CYS B 501 10.78 -24.63 -26.54
N ILE B 502 10.38 -24.47 -25.28
CA ILE B 502 10.49 -25.56 -24.33
C ILE B 502 9.46 -26.64 -24.62
N VAL B 503 8.21 -26.24 -24.87
CA VAL B 503 7.10 -27.19 -24.86
C VAL B 503 7.00 -27.95 -26.17
N TYR B 504 7.12 -27.25 -27.29
CA TYR B 504 6.69 -27.79 -28.58
C TYR B 504 7.36 -29.13 -28.87
N PHE B 505 8.67 -29.21 -28.66
CA PHE B 505 9.40 -30.41 -29.07
C PHE B 505 9.30 -31.52 -28.04
N MET B 506 9.25 -31.17 -26.76
CA MET B 506 9.09 -32.18 -25.72
C MET B 506 7.77 -32.91 -25.86
N LEU B 507 6.69 -32.16 -26.12
CA LEU B 507 5.38 -32.79 -26.25
C LEU B 507 5.29 -33.61 -27.53
N GLY B 508 5.77 -33.06 -28.63
CA GLY B 508 5.64 -33.73 -29.91
C GLY B 508 4.44 -33.25 -30.70
N LEU B 509 4.29 -31.95 -30.82
CA LEU B 509 3.22 -31.36 -31.61
C LEU B 509 3.59 -31.43 -33.09
N LYS B 510 2.85 -30.73 -33.93
CA LYS B 510 3.06 -30.80 -35.37
C LYS B 510 4.53 -30.54 -35.69
N PRO B 511 5.25 -31.52 -36.25
CA PRO B 511 6.68 -31.32 -36.54
C PRO B 511 6.93 -30.59 -37.86
N LYS B 512 6.36 -29.39 -37.98
CA LYS B 512 6.61 -28.51 -39.11
C LYS B 512 6.86 -27.11 -38.60
N ALA B 513 7.76 -26.39 -39.28
CA ALA B 513 8.17 -25.06 -38.80
C ALA B 513 7.03 -24.07 -38.83
N ASP B 514 6.19 -24.11 -39.87
CA ASP B 514 5.09 -23.16 -39.97
C ASP B 514 4.24 -23.18 -38.71
N ALA B 515 3.90 -24.37 -38.21
CA ALA B 515 3.12 -24.48 -37.00
C ALA B 515 3.85 -23.85 -35.82
N PHE B 516 5.16 -24.08 -35.72
CA PHE B 516 5.94 -23.52 -34.62
C PHE B 516 5.83 -22.01 -34.59
N PHE B 517 6.10 -21.35 -35.73
CA PHE B 517 6.09 -19.89 -35.74
C PHE B 517 4.67 -19.36 -35.59
N VAL B 518 3.68 -20.07 -36.11
CA VAL B 518 2.29 -19.65 -35.92
C VAL B 518 1.93 -19.67 -34.45
N MET B 519 2.36 -20.71 -33.74
CA MET B 519 2.09 -20.80 -32.30
C MET B 519 2.72 -19.63 -31.57
N MET B 520 3.98 -19.33 -31.87
CA MET B 520 4.66 -18.23 -31.21
C MET B 520 3.95 -16.91 -31.48
N PHE B 521 3.61 -16.65 -32.74
CA PHE B 521 2.94 -15.40 -33.11
C PHE B 521 1.60 -15.28 -32.40
N THR B 522 0.83 -16.36 -32.36
CA THR B 522 -0.49 -16.31 -31.75
C THR B 522 -0.41 -16.01 -30.26
N LEU B 523 0.53 -16.65 -29.56
CA LEU B 523 0.68 -16.37 -28.14
C LEU B 523 1.09 -14.92 -27.91
N MET B 524 2.01 -14.40 -28.72
CA MET B 524 2.34 -12.99 -28.61
C MET B 524 1.11 -12.12 -28.73
N MET B 525 0.27 -12.41 -29.72
CA MET B 525 -0.88 -11.55 -29.99
C MET B 525 -1.88 -11.58 -28.83
N VAL B 526 -2.15 -12.75 -28.26
CA VAL B 526 -3.09 -12.78 -27.14
C VAL B 526 -2.50 -12.04 -25.94
N ALA B 527 -1.20 -12.17 -25.72
CA ALA B 527 -0.58 -11.46 -24.61
C ALA B 527 -0.74 -9.96 -24.76
N TYR B 528 -0.41 -9.43 -25.94
CA TYR B 528 -0.53 -8.00 -26.16
C TYR B 528 -1.98 -7.53 -26.05
N SER B 529 -2.91 -8.31 -26.59
CA SER B 529 -4.31 -7.92 -26.52
C SER B 529 -4.80 -7.86 -25.07
N ALA B 530 -4.42 -8.84 -24.26
CA ALA B 530 -4.82 -8.83 -22.87
C ALA B 530 -4.21 -7.66 -22.13
N SER B 531 -2.94 -7.36 -22.40
CA SER B 531 -2.32 -6.21 -21.75
C SER B 531 -3.02 -4.92 -22.15
N SER B 532 -3.39 -4.79 -23.42
CA SER B 532 -4.08 -3.58 -23.87
C SER B 532 -5.43 -3.45 -23.18
N MET B 533 -6.18 -4.55 -23.08
CA MET B 533 -7.46 -4.50 -22.38
C MET B 533 -7.25 -4.12 -20.92
N ALA B 534 -6.23 -4.69 -20.29
CA ALA B 534 -5.93 -4.37 -18.89
C ALA B 534 -5.63 -2.89 -18.72
N LEU B 535 -4.85 -2.32 -19.64
CA LEU B 535 -4.57 -0.90 -19.58
C LEU B 535 -5.83 -0.07 -19.75
N ALA B 536 -6.69 -0.48 -20.68
CA ALA B 536 -7.93 0.27 -20.90
C ALA B 536 -8.77 0.32 -19.64
N ILE B 537 -8.87 -0.82 -18.94
CA ILE B 537 -9.65 -0.86 -17.71
C ILE B 537 -8.96 -0.08 -16.60
N ALA B 538 -7.65 -0.28 -16.45
CA ALA B 538 -6.94 0.20 -15.27
C ALA B 538 -6.52 1.66 -15.37
N ALA B 539 -6.32 2.19 -16.56
CA ALA B 539 -5.88 3.57 -16.69
C ALA B 539 -6.89 4.51 -16.06
N GLY B 540 -6.38 5.43 -15.24
CA GLY B 540 -7.22 6.41 -14.59
C GLY B 540 -7.90 5.94 -13.33
N GLN B 541 -7.59 4.75 -12.84
CA GLN B 541 -8.17 4.21 -11.62
C GLN B 541 -7.13 4.24 -10.53
N SER B 542 -7.50 4.77 -9.36
CA SER B 542 -6.53 5.00 -8.30
C SER B 542 -6.29 3.76 -7.47
N VAL B 543 -7.31 2.95 -7.25
CA VAL B 543 -7.23 1.81 -6.35
C VAL B 543 -6.77 0.58 -7.12
N VAL B 544 -5.77 -0.11 -6.59
CA VAL B 544 -5.25 -1.31 -7.24
C VAL B 544 -6.25 -2.46 -7.13
N SER B 545 -6.84 -2.64 -5.96
CA SER B 545 -7.68 -3.80 -5.72
C SER B 545 -8.86 -3.85 -6.68
N VAL B 546 -9.52 -2.70 -6.88
CA VAL B 546 -10.69 -2.67 -7.75
C VAL B 546 -10.30 -3.02 -9.18
N ALA B 547 -9.21 -2.45 -9.69
CA ALA B 547 -8.79 -2.73 -11.06
C ALA B 547 -8.43 -4.19 -11.23
N THR B 548 -7.68 -4.75 -10.27
CA THR B 548 -7.34 -6.16 -10.33
C THR B 548 -8.59 -7.02 -10.36
N LEU B 549 -9.56 -6.72 -9.50
CA LEU B 549 -10.81 -7.47 -9.48
C LEU B 549 -11.51 -7.40 -10.83
N LEU B 550 -11.62 -6.20 -11.40
CA LEU B 550 -12.34 -6.05 -12.65
C LEU B 550 -11.70 -6.84 -13.77
N MET B 551 -10.38 -6.72 -13.92
CA MET B 551 -9.69 -7.43 -14.98
C MET B 551 -9.80 -8.94 -14.79
N THR B 552 -9.68 -9.40 -13.54
CA THR B 552 -9.80 -10.83 -13.28
C THR B 552 -11.18 -11.35 -13.67
N ILE B 553 -12.24 -10.60 -13.31
CA ILE B 553 -13.59 -11.03 -13.66
C ILE B 553 -13.77 -11.07 -15.17
N CYS B 554 -13.28 -10.04 -15.86
CA CYS B 554 -13.42 -10.01 -17.31
C CYS B 554 -12.73 -11.21 -17.94
N PHE B 555 -11.53 -11.53 -17.49
CA PHE B 555 -10.82 -12.67 -18.05
C PHE B 555 -11.53 -13.98 -17.75
N VAL B 556 -12.13 -14.09 -16.56
CA VAL B 556 -12.92 -15.29 -16.26
C VAL B 556 -14.04 -15.45 -17.27
N PHE B 557 -14.81 -14.39 -17.48
CA PHE B 557 -15.95 -14.47 -18.38
C PHE B 557 -15.50 -14.78 -19.80
N MET B 558 -14.35 -14.25 -20.21
CA MET B 558 -13.77 -14.66 -21.49
C MET B 558 -13.44 -16.15 -21.48
N MET B 559 -12.85 -16.64 -20.40
CA MET B 559 -12.38 -18.01 -20.36
C MET B 559 -13.52 -19.00 -20.50
N ILE B 560 -14.70 -18.66 -20.01
CA ILE B 560 -15.83 -19.55 -20.18
C ILE B 560 -16.13 -19.79 -21.65
N PHE B 561 -15.85 -18.82 -22.51
CA PHE B 561 -16.13 -18.91 -23.94
C PHE B 561 -14.90 -19.30 -24.74
N SER B 562 -13.97 -20.03 -24.14
CA SER B 562 -12.73 -20.39 -24.82
C SER B 562 -12.94 -21.50 -25.84
N GLY B 563 -13.92 -22.37 -25.64
CA GLY B 563 -14.19 -23.46 -26.54
C GLY B 563 -13.97 -24.84 -25.97
N LEU B 564 -13.51 -24.94 -24.73
CA LEU B 564 -13.27 -26.23 -24.08
C LEU B 564 -14.28 -26.53 -22.99
N LEU B 565 -14.45 -25.62 -22.03
CA LEU B 565 -15.36 -25.87 -20.93
C LEU B 565 -16.80 -25.98 -21.43
N VAL B 566 -17.09 -25.38 -22.57
CA VAL B 566 -18.42 -25.42 -23.17
C VAL B 566 -18.26 -25.55 -24.68
N ASN B 567 -19.25 -26.18 -25.31
CA ASN B 567 -19.25 -26.33 -26.76
C ASN B 567 -20.04 -25.19 -27.37
N LEU B 568 -19.36 -24.37 -28.17
CA LEU B 568 -19.95 -23.13 -28.65
C LEU B 568 -21.09 -23.37 -29.62
N THR B 569 -21.22 -24.58 -30.15
CA THR B 569 -22.33 -24.90 -31.05
C THR B 569 -23.63 -25.16 -30.31
N THR B 570 -23.57 -25.36 -28.99
CA THR B 570 -24.75 -25.65 -28.19
C THR B 570 -25.26 -24.43 -27.44
N ILE B 571 -24.55 -23.32 -27.46
CA ILE B 571 -24.97 -22.14 -26.75
C ILE B 571 -26.14 -21.50 -27.48
N ALA B 572 -27.08 -20.96 -26.71
CA ALA B 572 -28.25 -20.33 -27.29
C ALA B 572 -27.85 -19.12 -28.12
N SER B 573 -28.71 -18.78 -29.08
CA SER B 573 -28.39 -17.74 -30.05
C SER B 573 -28.25 -16.38 -29.37
N TRP B 574 -29.09 -16.09 -28.38
CA TRP B 574 -29.12 -14.75 -27.82
C TRP B 574 -27.91 -14.47 -26.95
N LEU B 575 -27.13 -15.50 -26.63
CA LEU B 575 -25.89 -15.33 -25.88
C LEU B 575 -24.65 -15.70 -26.67
N SER B 576 -24.80 -16.38 -27.80
CA SER B 576 -23.65 -16.81 -28.56
C SER B 576 -22.82 -15.65 -29.07
N TRP B 577 -23.44 -14.49 -29.28
CA TRP B 577 -22.71 -13.36 -29.86
C TRP B 577 -21.57 -12.92 -28.96
N LEU B 578 -21.67 -13.19 -27.66
CA LEU B 578 -20.64 -12.80 -26.71
C LEU B 578 -19.32 -13.48 -27.01
N GLN B 579 -19.36 -14.62 -27.70
CA GLN B 579 -18.15 -15.38 -27.95
C GLN B 579 -17.19 -14.64 -28.88
N TYR B 580 -17.61 -13.55 -29.49
CA TYR B 580 -16.75 -12.76 -30.35
C TYR B 580 -15.97 -11.69 -29.60
N PHE B 581 -16.22 -11.53 -28.30
CA PHE B 581 -15.49 -10.58 -27.47
C PHE B 581 -14.37 -11.26 -26.67
N SER B 582 -14.12 -12.54 -26.91
CA SER B 582 -13.23 -13.34 -26.09
C SER B 582 -11.90 -13.53 -26.81
N ILE B 583 -10.82 -13.14 -26.15
CA ILE B 583 -9.47 -13.25 -26.69
C ILE B 583 -9.01 -14.71 -26.63
N PRO B 584 -9.19 -15.39 -25.50
CA PRO B 584 -8.77 -16.79 -25.44
C PRO B 584 -9.40 -17.64 -26.52
N ARG B 585 -10.64 -17.32 -26.94
CA ARG B 585 -11.27 -18.09 -28.00
C ARG B 585 -10.46 -18.00 -29.28
N TYR B 586 -10.04 -16.78 -29.66
CA TYR B 586 -9.30 -16.62 -30.89
C TYR B 586 -7.97 -17.36 -30.82
N GLY B 587 -7.22 -17.17 -29.74
CA GLY B 587 -5.95 -17.87 -29.61
C GLY B 587 -6.12 -19.38 -29.60
N PHE B 588 -7.07 -19.87 -28.81
CA PHE B 588 -7.28 -21.30 -28.67
C PHE B 588 -7.73 -21.91 -29.98
N THR B 589 -8.65 -21.25 -30.68
CA THR B 589 -9.11 -21.74 -31.98
C THR B 589 -7.95 -21.82 -32.96
N ALA B 590 -7.09 -20.80 -32.98
CA ALA B 590 -5.96 -20.84 -33.90
C ALA B 590 -5.04 -22.00 -33.59
N LEU B 591 -4.73 -22.21 -32.31
CA LEU B 591 -3.83 -23.29 -31.94
C LEU B 591 -4.44 -24.65 -32.29
N GLN B 592 -5.73 -24.83 -31.98
CA GLN B 592 -6.41 -26.06 -32.35
C GLN B 592 -6.35 -26.29 -33.86
N HIS B 593 -6.64 -25.26 -34.64
CA HIS B 593 -6.63 -25.40 -36.10
C HIS B 593 -5.25 -25.77 -36.59
N ASN B 594 -4.21 -25.31 -35.89
CA ASN B 594 -2.85 -25.61 -36.31
C ASN B 594 -2.46 -27.04 -35.98
N GLU B 595 -2.96 -27.57 -34.87
CA GLU B 595 -2.46 -28.85 -34.38
C GLU B 595 -3.29 -30.02 -34.90
N PHE B 596 -4.61 -29.89 -34.93
CA PHE B 596 -5.52 -31.01 -35.15
C PHE B 596 -5.78 -31.31 -36.62
N LEU B 597 -5.21 -30.53 -37.53
CA LEU B 597 -5.73 -30.53 -38.90
C LEU B 597 -5.52 -31.87 -39.60
N GLY B 598 -4.38 -32.50 -39.40
CA GLY B 598 -4.03 -33.69 -40.16
C GLY B 598 -3.73 -34.91 -39.32
N GLN B 599 -4.51 -35.13 -38.26
CA GLN B 599 -4.25 -36.18 -37.30
C GLN B 599 -5.40 -37.17 -37.29
N ASN B 600 -5.08 -38.43 -36.97
CA ASN B 600 -6.07 -39.47 -36.71
C ASN B 600 -5.83 -40.02 -35.31
N PHE B 601 -6.88 -40.10 -34.52
CA PHE B 601 -6.78 -40.48 -33.11
C PHE B 601 -7.40 -41.84 -32.80
N CYS B 602 -7.82 -42.59 -33.82
CA CYS B 602 -8.26 -43.96 -33.62
C CYS B 602 -7.17 -44.88 -34.15
N PRO B 603 -6.39 -45.56 -33.30
CA PRO B 603 -5.19 -46.24 -33.80
C PRO B 603 -5.47 -47.30 -34.84
N GLY B 604 -6.31 -48.28 -34.52
CA GLY B 604 -6.57 -49.37 -35.42
C GLY B 604 -7.93 -49.29 -36.06
N LEU B 605 -7.97 -49.13 -37.39
CA LEU B 605 -9.23 -49.02 -38.10
C LEU B 605 -9.02 -49.22 -39.60
N ASN B 611 -17.09 -50.36 -41.78
CA ASN B 611 -18.02 -50.07 -40.70
C ASN B 611 -17.51 -48.95 -39.80
N PRO B 612 -17.69 -47.71 -40.21
CA PRO B 612 -17.27 -46.59 -39.36
C PRO B 612 -18.04 -46.57 -38.05
N CYS B 613 -17.34 -46.17 -37.01
CA CYS B 613 -17.85 -46.18 -35.64
C CYS B 613 -18.41 -44.80 -35.32
N ASN B 614 -19.71 -44.62 -35.56
CA ASN B 614 -20.35 -43.34 -35.32
C ASN B 614 -20.38 -43.03 -33.83
N TYR B 615 -20.44 -41.74 -33.50
CA TYR B 615 -20.31 -41.20 -32.15
C TYR B 615 -18.86 -41.23 -31.70
N ALA B 616 -17.91 -41.39 -32.61
CA ALA B 616 -16.49 -41.45 -32.28
C ALA B 616 -15.74 -40.46 -33.14
N THR B 617 -14.86 -39.69 -32.51
CA THR B 617 -14.06 -38.69 -33.22
C THR B 617 -12.65 -39.24 -33.46
N CYS B 618 -12.54 -40.06 -34.51
CA CYS B 618 -11.24 -40.60 -34.87
C CYS B 618 -10.33 -39.51 -35.42
N THR B 619 -10.83 -38.70 -36.33
CA THR B 619 -10.02 -37.71 -37.04
C THR B 619 -10.14 -36.36 -36.38
N GLY B 620 -9.05 -35.59 -36.45
CA GLY B 620 -9.05 -34.27 -35.85
C GLY B 620 -10.06 -33.33 -36.49
N GLU B 621 -10.17 -33.38 -37.81
CA GLU B 621 -11.09 -32.50 -38.52
C GLU B 621 -12.51 -32.64 -38.00
N GLU B 622 -12.92 -33.87 -37.68
CA GLU B 622 -14.24 -34.07 -37.10
C GLU B 622 -14.37 -33.34 -35.77
N TYR B 623 -13.33 -33.39 -34.95
CA TYR B 623 -13.36 -32.69 -33.67
C TYR B 623 -13.48 -31.19 -33.88
N LEU B 624 -12.67 -30.64 -34.78
CA LEU B 624 -12.77 -29.22 -35.09
C LEU B 624 -14.19 -28.85 -35.51
N VAL B 625 -14.78 -29.65 -36.39
CA VAL B 625 -16.14 -29.37 -36.84
C VAL B 625 -17.11 -29.40 -35.68
N LYS B 626 -17.02 -30.42 -34.84
CA LYS B 626 -17.92 -30.52 -33.70
C LYS B 626 -17.74 -29.36 -32.73
N GLN B 627 -16.57 -28.72 -32.73
CA GLN B 627 -16.35 -27.56 -31.88
C GLN B 627 -16.72 -26.25 -32.56
N GLY B 628 -17.15 -26.30 -33.81
CA GLY B 628 -17.59 -25.13 -34.52
C GLY B 628 -16.54 -24.49 -35.41
N ILE B 629 -15.29 -24.94 -35.33
CA ILE B 629 -14.21 -24.30 -36.05
C ILE B 629 -14.33 -24.60 -37.54
N ASP B 630 -13.84 -23.68 -38.36
CA ASP B 630 -13.76 -23.91 -39.79
C ASP B 630 -12.43 -24.56 -40.16
N LEU B 631 -12.40 -25.16 -41.35
CA LEU B 631 -11.23 -25.87 -41.83
C LEU B 631 -10.43 -25.07 -42.85
N SER B 632 -10.96 -23.96 -43.31
CA SER B 632 -10.28 -23.16 -44.31
C SER B 632 -9.06 -22.47 -43.71
N PRO B 633 -8.10 -22.08 -44.53
CA PRO B 633 -6.96 -21.30 -44.02
C PRO B 633 -7.38 -19.98 -43.42
N TRP B 634 -8.59 -19.49 -43.76
CA TRP B 634 -9.02 -18.17 -43.30
C TRP B 634 -9.38 -18.14 -41.83
N GLY B 635 -9.73 -19.27 -41.21
CA GLY B 635 -10.10 -19.23 -39.80
C GLY B 635 -8.96 -18.79 -38.91
N LEU B 636 -7.79 -19.40 -39.10
CA LEU B 636 -6.61 -19.04 -38.33
C LEU B 636 -6.32 -17.54 -38.44
N TRP B 637 -6.25 -17.04 -39.66
CA TRP B 637 -5.87 -15.64 -39.86
C TRP B 637 -6.98 -14.69 -39.44
N LYS B 638 -8.23 -15.15 -39.50
CA LYS B 638 -9.33 -14.36 -38.96
C LYS B 638 -9.13 -14.11 -37.48
N ASN B 639 -8.75 -15.15 -36.74
CA ASN B 639 -8.50 -14.98 -35.32
C ASN B 639 -7.38 -13.97 -35.09
N HIS B 640 -6.30 -14.09 -35.87
CA HIS B 640 -5.18 -13.19 -35.67
C HIS B 640 -5.54 -11.73 -35.95
N VAL B 641 -6.24 -11.46 -37.04
CA VAL B 641 -6.58 -10.08 -37.36
C VAL B 641 -7.54 -9.52 -36.31
N ALA B 642 -8.45 -10.34 -35.81
CA ALA B 642 -9.33 -9.88 -34.75
C ALA B 642 -8.52 -9.45 -33.53
N LEU B 643 -7.50 -10.22 -33.18
CA LEU B 643 -6.65 -9.84 -32.06
C LEU B 643 -5.98 -8.50 -32.31
N ALA B 644 -5.46 -8.29 -33.52
CA ALA B 644 -4.79 -7.03 -33.82
C ALA B 644 -5.73 -5.85 -33.68
N CYS B 645 -6.96 -5.99 -34.21
CA CYS B 645 -7.93 -4.91 -34.10
C CYS B 645 -8.24 -4.60 -32.63
N MET B 646 -8.39 -5.64 -31.81
CA MET B 646 -8.66 -5.42 -30.40
C MET B 646 -7.50 -4.68 -29.74
N ILE B 647 -6.27 -5.04 -30.10
CA ILE B 647 -5.11 -4.33 -29.57
C ILE B 647 -5.22 -2.85 -29.84
N VAL B 648 -5.44 -2.49 -31.11
CA VAL B 648 -5.46 -1.08 -31.50
C VAL B 648 -6.58 -0.36 -30.76
N ILE B 649 -7.77 -0.95 -30.74
CA ILE B 649 -8.92 -0.31 -30.12
C ILE B 649 -8.65 -0.04 -28.65
N PHE B 650 -8.16 -1.05 -27.93
CA PHE B 650 -8.00 -0.90 -26.48
C PHE B 650 -6.91 0.10 -26.14
N LEU B 651 -5.80 0.08 -26.86
CA LEU B 651 -4.74 1.05 -26.59
C LEU B 651 -5.22 2.48 -26.85
N THR B 652 -5.96 2.68 -27.94
CA THR B 652 -6.51 4.00 -28.21
C THR B 652 -7.43 4.45 -27.10
N ILE B 653 -8.27 3.54 -26.59
CA ILE B 653 -9.15 3.89 -25.47
C ILE B 653 -8.33 4.31 -24.27
N ALA B 654 -7.23 3.61 -24.00
CA ALA B 654 -6.38 3.97 -22.86
C ALA B 654 -5.84 5.38 -23.03
N TYR B 655 -5.36 5.70 -24.23
CA TYR B 655 -4.83 7.04 -24.46
C TYR B 655 -5.89 8.10 -24.22
N LEU B 656 -7.11 7.87 -24.70
CA LEU B 656 -8.17 8.84 -24.49
C LEU B 656 -8.52 8.97 -23.01
N LYS B 657 -8.53 7.85 -22.29
CA LYS B 657 -8.83 7.91 -20.86
C LYS B 657 -7.80 8.75 -20.13
N LEU B 658 -6.53 8.63 -20.51
CA LEU B 658 -5.51 9.50 -19.92
C LEU B 658 -5.71 10.94 -20.32
N LEU B 659 -6.11 11.18 -21.58
CA LEU B 659 -6.21 12.55 -22.07
C LEU B 659 -7.29 13.32 -21.35
N PHE B 660 -8.49 12.75 -21.26
CA PHE B 660 -9.63 13.42 -20.65
C PHE B 660 -9.71 13.19 -19.15
N LEU B 661 -8.58 12.89 -18.52
CA LEU B 661 -8.51 12.78 -17.08
C LEU B 661 -8.39 14.17 -16.46
N LYS B 662 -8.82 14.28 -15.20
CA LYS B 662 -8.80 15.55 -14.48
C LYS B 662 -7.41 15.72 -13.87
N LYS B 663 -6.58 16.52 -14.54
CA LYS B 663 -5.20 16.77 -14.10
C LYS B 663 -5.17 18.11 -13.39
N TYR B 664 -5.64 18.10 -12.15
CA TYR B 664 -5.73 19.32 -11.34
C TYR B 664 -5.61 18.98 -9.86
#